data_7UIJ
#
_entry.id   7UIJ
#
_cell.length_a   54.729
_cell.length_b   139.858
_cell.length_c   205.669
_cell.angle_alpha   90.000
_cell.angle_beta   90.000
_cell.angle_gamma   90.000
#
_symmetry.space_group_name_H-M   'P 2 21 21'
#
loop_
_entity.id
_entity.type
_entity.pdbx_description
1 polymer 'Monoclonal B5 Fab Heavy Chain'
2 polymer 'Monoclonal B5 Fab Light Chain'
3 polymer 'Outer surface protein C'
4 non-polymer 1,2-ETHANEDIOL
5 water water
#
loop_
_entity_poly.entity_id
_entity_poly.type
_entity_poly.pdbx_seq_one_letter_code
_entity_poly.pdbx_strand_id
1 'polypeptide(L)'
;EVQLEESGPEQKKPGETVMMSCKASGYTFTDHSMHWVKQAPGKGLKWMGWINTETGEPTCADDFKGRFALSLETSSRTAF
LQINNLKNEDTAIYFCIGRWGYYVYWGQGTTLVVSSAKTTAPSVYPLAPVCGDTTGSSVTLGCLVKGYFPEPVTLTWNSG
SLSSGVHTFPAVLQSDLYTLSSSVTVTSSTWPSQSITCNVAHPASSTKVDKKIEPRGPTIKPCPPCKCPAPNLLGG
;
H,A
2 'polypeptide(L)'
;DIQMTQSPASLSVSVGESVTIICRASENINSNLAWYQQKQGKPPQLLVYAATNLAGGVPSRFSGSGSGTQYSLKINSLQS
EDFGTYYCQHVWGSPWTFGGGTKLEIKRADAAPTVSIFPPSSEQLTSGGASVVCFLNNFYPKDINVKWKIDGSERQNGVL
NSWTDQDSKDSTYSMSSTLTLTKDEYERHNSYTCEATHKTSTSPIVKSFNRNEC
;
L,B
3 'polypeptide(L)'
;KGPNLTEISKKITDSNAVLLAVKEVEALLSSIDEIAAKAIGKKIHQNNGLDTENNHNGSLLAGAYAISTLIKQKLDGLKN
EGLKEKIDAAKKCSETFTNKLKEKHTDLGKEGVTDADAKEAILKTNGTKTKGAEELGKLFESVEVLSKAAKEMLANSVKE
LTSP
;
C,D
#
# COMPACT_ATOMS: atom_id res chain seq x y z
N GLU A 1 -13.57 8.80 13.20
CA GLU A 1 -13.76 8.70 14.64
C GLU A 1 -14.97 7.83 15.00
N VAL A 2 -14.83 7.11 16.12
CA VAL A 2 -15.81 6.15 16.60
C VAL A 2 -16.13 6.50 18.05
N GLN A 3 -17.42 6.48 18.40
CA GLN A 3 -17.86 6.76 19.76
C GLN A 3 -18.43 5.50 20.40
N LEU A 4 -18.05 5.25 21.64
CA LEU A 4 -18.53 4.12 22.43
C LEU A 4 -19.23 4.65 23.68
N GLU A 5 -20.49 4.28 23.87
CA GLU A 5 -21.23 4.62 25.07
C GLU A 5 -21.69 3.34 25.78
N GLU A 6 -21.51 3.30 27.09
CA GLU A 6 -21.71 2.10 27.88
C GLU A 6 -22.86 2.30 28.86
N SER A 7 -23.23 1.20 29.51
CA SER A 7 -24.34 1.19 30.44
C SER A 7 -24.09 2.12 31.63
N GLY A 8 -25.13 2.32 32.42
CA GLY A 8 -25.00 3.04 33.67
C GLY A 8 -24.35 2.21 34.75
N PRO A 9 -24.00 2.86 35.85
CA PRO A 9 -23.35 2.15 36.96
C PRO A 9 -24.26 1.07 37.52
N GLU A 10 -23.63 0.08 38.17
CA GLU A 10 -24.36 -1.09 38.63
C GLU A 10 -23.92 -1.49 40.02
N GLN A 11 -24.89 -1.79 40.88
CA GLN A 11 -24.63 -2.27 42.23
C GLN A 11 -25.37 -3.59 42.41
N LYS A 12 -24.62 -4.66 42.61
CA LYS A 12 -25.19 -5.98 42.86
C LYS A 12 -24.62 -6.52 44.16
N LYS A 13 -25.11 -7.68 44.57
CA LYS A 13 -24.67 -8.41 45.74
C LYS A 13 -24.03 -9.73 45.30
N PRO A 14 -23.17 -10.33 46.14
CA PRO A 14 -22.55 -11.61 45.75
C PRO A 14 -23.61 -12.65 45.42
N GLY A 15 -23.47 -13.25 44.24
CA GLY A 15 -24.38 -14.28 43.77
C GLY A 15 -25.19 -13.88 42.56
N GLU A 16 -25.60 -12.61 42.48
CA GLU A 16 -26.44 -12.18 41.37
C GLU A 16 -25.64 -12.15 40.07
N THR A 17 -26.32 -11.73 39.00
CA THR A 17 -25.71 -11.61 37.68
C THR A 17 -26.00 -10.23 37.12
N VAL A 18 -25.05 -9.69 36.37
CA VAL A 18 -25.14 -8.36 35.78
C VAL A 18 -24.86 -8.47 34.30
N MET A 19 -25.51 -7.61 33.51
CA MET A 19 -25.19 -7.46 32.10
C MET A 19 -24.95 -6.00 31.77
N MET A 20 -23.83 -5.71 31.15
CA MET A 20 -23.50 -4.38 30.66
C MET A 20 -23.57 -4.36 29.14
N SER A 21 -23.68 -3.14 28.60
CA SER A 21 -23.76 -2.95 27.16
C SER A 21 -22.75 -1.88 26.74
N CYS A 22 -22.48 -1.86 25.44
CA CYS A 22 -21.59 -0.87 24.83
C CYS A 22 -22.02 -0.74 23.37
N LYS A 23 -22.48 0.45 23.00
CA LYS A 23 -22.98 0.70 21.66
C LYS A 23 -21.99 1.53 20.87
N ALA A 24 -21.63 1.06 19.69
CA ALA A 24 -20.68 1.74 18.82
C ALA A 24 -21.42 2.50 17.72
N SER A 25 -20.87 3.66 17.36
CA SER A 25 -21.39 4.42 16.24
C SER A 25 -20.23 5.11 15.54
N GLY A 26 -20.49 5.61 14.33
CA GLY A 26 -19.44 6.14 13.49
C GLY A 26 -18.87 5.07 12.56
N TYR A 27 -17.56 5.13 12.29
CA TYR A 27 -16.97 4.26 11.30
C TYR A 27 -16.95 2.81 11.79
N THR A 28 -16.62 1.91 10.87
CA THR A 28 -16.48 0.50 11.20
C THR A 28 -15.11 0.25 11.81
N PHE A 29 -15.05 -0.68 12.77
CA PHE A 29 -13.77 -1.11 13.32
C PHE A 29 -12.99 -1.84 12.25
N THR A 30 -11.77 -1.38 11.96
CA THR A 30 -11.08 -1.88 10.77
C THR A 30 -10.80 -3.38 10.88
N ASP A 31 -10.68 -3.90 12.10
CA ASP A 31 -10.50 -5.34 12.30
C ASP A 31 -11.75 -6.01 12.84
N HIS A 32 -12.87 -5.28 12.88
CA HIS A 32 -14.19 -5.84 13.19
C HIS A 32 -14.20 -6.56 14.54
N SER A 33 -13.82 -5.81 15.57
CA SER A 33 -13.73 -6.37 16.91
C SER A 33 -14.01 -5.28 17.93
N MET A 34 -14.56 -5.70 19.08
CA MET A 34 -14.71 -4.84 20.24
C MET A 34 -14.12 -5.57 21.44
N HIS A 35 -13.18 -4.94 22.12
CA HIS A 35 -12.46 -5.54 23.23
C HIS A 35 -12.99 -4.99 24.55
N TRP A 36 -13.04 -5.85 25.57
CA TRP A 36 -13.44 -5.46 26.91
C TRP A 36 -12.24 -5.41 27.84
N VAL A 37 -12.26 -4.43 28.75
CA VAL A 37 -11.17 -4.18 29.68
C VAL A 37 -11.75 -4.05 31.07
N LYS A 38 -11.08 -4.62 32.07
CA LYS A 38 -11.49 -4.52 33.46
C LYS A 38 -10.40 -3.82 34.26
N GLN A 39 -10.80 -2.90 35.14
CA GLN A 39 -9.88 -2.27 36.08
C GLN A 39 -10.44 -2.37 37.50
N ALA A 40 -9.92 -3.33 38.26
CA ALA A 40 -10.27 -3.44 39.67
C ALA A 40 -9.62 -2.29 40.45
N PRO A 41 -10.22 -1.89 41.57
CA PRO A 41 -9.65 -0.78 42.35
C PRO A 41 -8.26 -1.13 42.88
N GLY A 42 -7.30 -0.25 42.59
CA GLY A 42 -5.93 -0.46 42.99
C GLY A 42 -5.09 -1.24 42.01
N LYS A 43 -5.70 -1.85 41.00
CA LYS A 43 -4.99 -2.59 39.97
C LYS A 43 -4.96 -1.80 38.68
N GLY A 44 -4.12 -2.26 37.76
CA GLY A 44 -4.03 -1.62 36.48
C GLY A 44 -5.18 -2.01 35.57
N LEU A 45 -4.99 -1.73 34.28
CA LEU A 45 -5.94 -2.14 33.26
C LEU A 45 -5.60 -3.54 32.80
N LYS A 46 -6.61 -4.40 32.73
CA LYS A 46 -6.43 -5.77 32.29
C LYS A 46 -7.40 -6.07 31.14
N TRP A 47 -6.87 -6.74 30.11
CA TRP A 47 -7.65 -7.12 28.95
C TRP A 47 -8.44 -8.38 29.25
N MET A 48 -9.74 -8.37 28.93
CA MET A 48 -10.62 -9.48 29.24
C MET A 48 -10.90 -10.38 28.04
N GLY A 49 -11.15 -9.79 26.88
CA GLY A 49 -11.59 -10.56 25.72
C GLY A 49 -12.06 -9.63 24.63
N TRP A 50 -12.54 -10.24 23.55
CA TRP A 50 -13.05 -9.50 22.42
C TRP A 50 -14.14 -10.31 21.73
N ILE A 51 -14.97 -9.61 20.98
CA ILE A 51 -16.04 -10.23 20.21
C ILE A 51 -15.96 -9.74 18.77
N ASN A 52 -16.21 -10.66 17.83
CA ASN A 52 -16.17 -10.36 16.41
C ASN A 52 -17.46 -9.64 16.02
N THR A 53 -17.34 -8.40 15.55
CA THR A 53 -18.52 -7.60 15.23
C THR A 53 -19.19 -8.03 13.93
N GLU A 54 -18.68 -9.05 13.25
CA GLU A 54 -19.35 -9.65 12.10
C GLU A 54 -20.03 -10.95 12.46
N THR A 55 -19.38 -11.81 13.25
CA THR A 55 -19.88 -13.15 13.55
C THR A 55 -20.46 -13.27 14.95
N GLY A 56 -20.22 -12.31 15.83
CA GLY A 56 -20.62 -12.44 17.21
C GLY A 56 -19.85 -13.47 18.01
N GLU A 57 -18.79 -14.04 17.44
CA GLU A 57 -18.00 -15.04 18.14
C GLU A 57 -17.20 -14.40 19.26
N PRO A 58 -17.32 -14.86 20.50
CA PRO A 58 -16.54 -14.31 21.60
C PRO A 58 -15.21 -15.03 21.78
N THR A 59 -14.24 -14.30 22.31
CA THR A 59 -12.95 -14.86 22.69
C THR A 59 -12.50 -14.17 23.97
N CYS A 60 -12.11 -14.96 24.96
CA CYS A 60 -11.78 -14.43 26.28
C CYS A 60 -10.44 -14.95 26.75
N ALA A 61 -9.86 -14.23 27.71
CA ALA A 61 -8.69 -14.72 28.42
C ALA A 61 -9.10 -15.86 29.35
N ASP A 62 -8.12 -16.71 29.69
CA ASP A 62 -8.40 -17.83 30.58
C ASP A 62 -8.90 -17.35 31.94
N ASP A 63 -8.53 -16.13 32.33
CA ASP A 63 -9.01 -15.53 33.57
C ASP A 63 -10.51 -15.24 33.55
N PHE A 64 -11.17 -15.35 32.37
CA PHE A 64 -12.52 -14.82 32.19
C PHE A 64 -13.38 -15.71 31.27
N LYS A 65 -13.77 -16.89 31.75
CA LYS A 65 -14.89 -17.62 31.16
C LYS A 65 -15.23 -18.79 32.08
N GLY A 66 -16.29 -19.51 31.71
CA GLY A 66 -16.95 -20.39 32.64
C GLY A 66 -17.81 -19.63 33.60
N ARG A 67 -18.31 -18.48 33.18
CA ARG A 67 -18.82 -17.46 34.09
C ARG A 67 -19.17 -16.19 33.32
N PHE A 68 -18.15 -15.56 32.75
CA PHE A 68 -18.36 -14.41 31.89
C PHE A 68 -18.86 -14.86 30.53
N ALA A 69 -19.77 -14.08 29.95
CA ALA A 69 -20.38 -14.41 28.67
C ALA A 69 -20.53 -13.13 27.86
N LEU A 70 -20.13 -13.18 26.59
CA LEU A 70 -20.09 -12.01 25.74
C LEU A 70 -20.90 -12.26 24.48
N SER A 71 -21.80 -11.33 24.17
CA SER A 71 -22.65 -11.42 23.00
C SER A 71 -22.64 -10.08 22.29
N LEU A 72 -23.36 -10.01 21.17
CA LEU A 72 -23.45 -8.77 20.40
C LEU A 72 -24.71 -8.79 19.55
N GLU A 73 -25.38 -7.65 19.49
CA GLU A 73 -26.52 -7.45 18.61
C GLU A 73 -26.05 -6.61 17.43
N THR A 74 -26.00 -7.23 16.24
CA THR A 74 -25.41 -6.56 15.09
C THR A 74 -26.26 -5.39 14.62
N SER A 75 -27.58 -5.54 14.67
CA SER A 75 -28.46 -4.47 14.19
C SER A 75 -28.15 -3.14 14.87
N SER A 76 -27.85 -3.17 16.17
CA SER A 76 -27.66 -1.95 16.95
C SER A 76 -26.20 -1.66 17.28
N ARG A 77 -25.27 -2.49 16.79
CA ARG A 77 -23.84 -2.30 17.05
C ARG A 77 -23.54 -2.29 18.54
N THR A 78 -24.24 -3.15 19.29
CA THR A 78 -24.18 -3.14 20.75
C THR A 78 -23.55 -4.43 21.27
N ALA A 79 -22.40 -4.30 21.90
CA ALA A 79 -21.78 -5.43 22.59
C ALA A 79 -22.43 -5.59 23.96
N PHE A 80 -22.24 -6.79 24.54
CA PHE A 80 -22.82 -7.11 25.84
C PHE A 80 -21.85 -7.95 26.66
N LEU A 81 -21.63 -7.56 27.91
CA LEU A 81 -20.83 -8.34 28.86
C LEU A 81 -21.72 -8.74 30.03
N GLN A 82 -22.00 -10.03 30.16
CA GLN A 82 -22.79 -10.57 31.26
C GLN A 82 -21.92 -11.44 32.16
N ILE A 83 -21.94 -11.15 33.46
CA ILE A 83 -21.19 -11.91 34.45
C ILE A 83 -22.16 -12.51 35.44
N ASN A 84 -22.01 -13.80 35.71
CA ASN A 84 -22.88 -14.56 36.60
C ASN A 84 -22.14 -14.87 37.89
N ASN A 85 -22.91 -15.29 38.90
CA ASN A 85 -22.40 -15.65 40.22
C ASN A 85 -21.34 -14.67 40.71
N LEU A 86 -21.72 -13.40 40.73
CA LEU A 86 -20.76 -12.32 40.95
C LEU A 86 -20.08 -12.46 42.30
N LYS A 87 -18.80 -12.08 42.35
CA LYS A 87 -18.02 -12.08 43.56
C LYS A 87 -17.42 -10.70 43.79
N ASN A 88 -16.95 -10.47 45.03
CA ASN A 88 -16.44 -9.16 45.42
C ASN A 88 -15.32 -8.68 44.52
N GLU A 89 -14.55 -9.62 43.96
CA GLU A 89 -13.41 -9.28 43.10
C GLU A 89 -13.85 -8.86 41.70
N ASP A 90 -15.13 -9.02 41.35
CA ASP A 90 -15.68 -8.47 40.12
C ASP A 90 -15.90 -6.96 40.21
N THR A 91 -15.81 -6.40 41.42
CA THR A 91 -15.88 -4.95 41.58
C THR A 91 -14.78 -4.30 40.77
N ALA A 92 -15.16 -3.51 39.77
CA ALA A 92 -14.21 -2.87 38.88
C ALA A 92 -14.97 -1.88 38.01
N ILE A 93 -14.20 -1.07 37.28
CA ILE A 93 -14.72 -0.32 36.14
C ILE A 93 -14.45 -1.12 34.89
N TYR A 94 -15.49 -1.34 34.09
CA TYR A 94 -15.38 -2.14 32.88
C TYR A 94 -15.45 -1.21 31.68
N PHE A 95 -14.39 -1.22 30.86
CA PHE A 95 -14.32 -0.41 29.66
C PHE A 95 -14.55 -1.26 28.42
N CYS A 96 -14.94 -0.59 27.35
CA CYS A 96 -15.18 -1.20 26.05
C CYS A 96 -14.45 -0.39 25.01
N ILE A 97 -13.58 -1.03 24.23
CA ILE A 97 -12.68 -0.33 23.33
C ILE A 97 -12.69 -0.98 21.95
N GLY A 98 -12.10 -0.26 21.00
CA GLY A 98 -12.02 -0.71 19.61
C GLY A 98 -11.23 0.32 18.82
N ARG A 99 -10.75 -0.12 17.65
CA ARG A 99 -9.83 0.71 16.87
C ARG A 99 -10.36 0.97 15.47
N TRP A 100 -9.99 2.14 14.95
CA TRP A 100 -10.12 2.52 13.55
C TRP A 100 -8.75 3.00 13.14
N GLY A 101 -8.22 2.47 12.03
CA GLY A 101 -6.78 2.58 11.82
C GLY A 101 -6.05 1.97 12.99
N TYR A 102 -5.01 2.65 13.48
CA TYR A 102 -4.33 2.22 14.69
C TYR A 102 -4.74 3.03 15.92
N TYR A 103 -5.77 3.87 15.78
CA TYR A 103 -6.26 4.72 16.86
C TYR A 103 -7.28 3.94 17.68
N VAL A 104 -7.16 3.99 19.01
CA VAL A 104 -8.03 3.23 19.90
C VAL A 104 -9.08 4.15 20.51
N TYR A 105 -10.34 3.73 20.45
CA TYR A 105 -11.48 4.51 20.94
C TYR A 105 -12.07 3.82 22.16
N TRP A 106 -12.56 4.62 23.11
CA TRP A 106 -12.63 4.19 24.52
C TRP A 106 -13.93 4.64 25.16
N GLY A 107 -13.95 4.49 26.49
CA GLY A 107 -14.89 5.16 27.37
C GLY A 107 -16.30 4.64 27.25
N GLN A 108 -17.16 5.10 28.16
CA GLN A 108 -16.73 5.93 29.29
C GLN A 108 -16.44 5.05 30.49
N GLY A 109 -16.83 3.79 30.37
CA GLY A 109 -16.69 2.84 31.43
C GLY A 109 -17.99 2.61 32.17
N THR A 110 -18.17 1.39 32.66
CA THR A 110 -19.27 1.05 33.55
C THR A 110 -18.68 0.66 34.89
N THR A 111 -19.20 1.25 35.96
CA THR A 111 -18.77 0.94 37.31
C THR A 111 -19.66 -0.13 37.91
N LEU A 112 -19.05 -1.23 38.37
CA LEU A 112 -19.78 -2.31 39.02
C LEU A 112 -19.29 -2.46 40.45
N VAL A 113 -20.22 -2.47 41.39
CA VAL A 113 -19.92 -2.65 42.80
C VAL A 113 -20.74 -3.84 43.28
N VAL A 114 -20.04 -4.92 43.66
CA VAL A 114 -20.68 -6.10 44.22
C VAL A 114 -20.46 -6.07 45.72
N SER A 115 -21.55 -6.03 46.48
CA SER A 115 -21.51 -5.69 47.90
C SER A 115 -22.88 -5.96 48.51
N SER A 116 -22.88 -6.23 49.82
CA SER A 116 -24.13 -6.44 50.54
C SER A 116 -24.88 -5.15 50.83
N ALA A 117 -24.37 -4.01 50.37
CA ALA A 117 -24.96 -2.72 50.67
C ALA A 117 -26.29 -2.53 49.92
N LYS A 118 -27.06 -1.54 50.37
CA LYS A 118 -28.28 -1.14 49.69
C LYS A 118 -28.32 0.38 49.57
N THR A 119 -29.23 0.86 48.72
CA THR A 119 -29.35 2.29 48.49
C THR A 119 -29.74 3.02 49.76
N THR A 120 -28.90 3.95 50.19
CA THR A 120 -29.15 4.74 51.39
C THR A 120 -28.82 6.20 51.10
N ALA A 121 -29.75 7.09 51.43
CA ALA A 121 -29.51 8.51 51.25
C ALA A 121 -28.40 8.98 52.17
N PRO A 122 -27.73 10.09 51.82
CA PRO A 122 -26.75 10.67 52.72
C PRO A 122 -27.36 11.69 53.68
N SER A 123 -26.74 11.80 54.84
CA SER A 123 -27.00 12.91 55.75
C SER A 123 -25.86 13.90 55.63
N VAL A 124 -26.20 15.19 55.63
CA VAL A 124 -25.26 16.27 55.36
C VAL A 124 -25.19 17.15 56.60
N TYR A 125 -23.97 17.52 56.99
CA TYR A 125 -23.75 18.28 58.21
C TYR A 125 -22.84 19.46 57.87
N PRO A 126 -23.29 20.70 58.05
CA PRO A 126 -22.42 21.85 57.77
C PRO A 126 -21.36 21.98 58.87
N LEU A 127 -20.11 22.12 58.44
CA LEU A 127 -18.97 22.18 59.34
C LEU A 127 -18.52 23.65 59.43
N ALA A 128 -18.95 24.32 60.50
CA ALA A 128 -18.71 25.73 60.71
C ALA A 128 -17.35 25.96 61.36
N PRO A 129 -16.76 27.13 61.19
CA PRO A 129 -15.49 27.43 61.85
C PRO A 129 -15.68 27.65 63.35
N VAL A 130 -14.63 27.32 64.10
CA VAL A 130 -14.69 27.41 65.56
C VAL A 130 -14.65 28.86 65.98
N CYS A 131 -15.57 29.25 66.86
CA CYS A 131 -15.51 30.58 67.43
C CYS A 131 -14.26 30.70 68.32
N GLY A 132 -13.86 31.93 68.55
CA GLY A 132 -12.50 32.18 68.91
C GLY A 132 -11.73 32.62 67.68
N ASP A 133 -10.42 32.75 67.87
CA ASP A 133 -9.57 33.55 66.99
C ASP A 133 -9.84 33.30 65.51
N THR A 134 -10.19 34.37 64.80
CA THR A 134 -10.21 34.39 63.35
C THR A 134 -8.77 34.38 62.84
N THR A 135 -8.00 33.37 63.25
CA THR A 135 -6.61 33.22 62.86
C THR A 135 -6.46 33.27 61.36
N GLY A 136 -5.62 34.18 60.88
CA GLY A 136 -5.52 34.44 59.46
C GLY A 136 -6.77 35.09 58.91
N SER A 137 -6.60 35.95 57.92
CA SER A 137 -7.74 36.57 57.25
C SER A 137 -8.48 35.59 56.34
N SER A 138 -8.12 34.31 56.34
CA SER A 138 -8.73 33.30 55.48
C SER A 138 -9.46 32.29 56.35
N VAL A 139 -10.75 32.09 56.08
CA VAL A 139 -11.55 31.09 56.78
C VAL A 139 -11.81 29.90 55.87
N THR A 140 -11.54 28.71 56.38
CA THR A 140 -11.82 27.48 55.67
C THR A 140 -13.09 26.89 56.25
N LEU A 141 -13.98 26.41 55.39
CA LEU A 141 -15.24 25.84 55.82
C LEU A 141 -15.40 24.45 55.22
N GLY A 142 -16.18 23.61 55.89
CA GLY A 142 -16.30 22.22 55.51
C GLY A 142 -17.75 21.78 55.35
N CYS A 143 -17.92 20.75 54.53
CA CYS A 143 -19.18 20.04 54.37
C CYS A 143 -18.87 18.55 54.48
N LEU A 144 -19.72 17.81 55.21
CA LEU A 144 -19.51 16.39 55.43
C LEU A 144 -20.76 15.63 55.02
N VAL A 145 -20.64 14.83 53.96
CA VAL A 145 -21.68 13.93 53.48
C VAL A 145 -21.35 12.53 54.01
N LYS A 146 -22.32 11.91 54.68
CA LYS A 146 -21.99 10.72 55.45
C LYS A 146 -23.10 9.67 55.38
N GLY A 147 -22.71 8.42 55.19
CA GLY A 147 -23.60 7.28 55.34
C GLY A 147 -24.47 6.96 54.15
N TYR A 148 -23.94 7.06 52.95
CA TYR A 148 -24.74 6.87 51.74
C TYR A 148 -24.17 5.73 50.90
N PHE A 149 -25.04 5.20 50.03
CA PHE A 149 -24.69 4.21 49.03
C PHE A 149 -25.74 4.31 47.95
N PRO A 150 -25.37 4.23 46.66
CA PRO A 150 -23.98 4.07 46.19
C PRO A 150 -23.33 5.38 45.79
N GLU A 151 -22.10 5.32 45.33
CA GLU A 151 -21.51 6.45 44.65
C GLU A 151 -22.21 6.64 43.30
N PRO A 152 -22.30 7.88 42.81
CA PRO A 152 -21.74 9.08 43.42
C PRO A 152 -22.75 10.04 44.05
N VAL A 153 -22.26 10.88 44.94
CA VAL A 153 -22.91 12.13 45.28
C VAL A 153 -22.18 13.23 44.53
N THR A 154 -22.89 14.28 44.16
CA THR A 154 -22.28 15.46 43.57
C THR A 154 -22.44 16.62 44.54
N LEU A 155 -21.33 17.26 44.88
CA LEU A 155 -21.31 18.38 45.80
C LEU A 155 -20.79 19.61 45.07
N THR A 156 -21.47 20.73 45.27
CA THR A 156 -21.02 22.04 44.81
C THR A 156 -21.15 23.03 45.96
N TRP A 157 -20.60 24.22 45.76
CA TRP A 157 -20.71 25.30 46.73
C TRP A 157 -21.41 26.47 46.06
N ASN A 158 -22.56 26.86 46.61
CA ASN A 158 -23.42 27.91 46.04
C ASN A 158 -23.74 27.60 44.58
N SER A 159 -24.18 26.38 44.34
CA SER A 159 -24.62 25.93 43.01
C SER A 159 -23.50 26.07 41.97
N GLY A 160 -22.26 25.81 42.37
CA GLY A 160 -21.14 25.87 41.47
C GLY A 160 -20.54 27.24 41.25
N SER A 161 -21.11 28.30 41.82
CA SER A 161 -20.54 29.63 41.64
C SER A 161 -19.24 29.78 42.42
N LEU A 162 -19.08 29.04 43.52
CA LEU A 162 -17.86 29.03 44.30
C LEU A 162 -17.07 27.78 43.92
N SER A 163 -16.01 27.96 43.13
CA SER A 163 -15.23 26.85 42.60
C SER A 163 -13.77 26.89 43.03
N SER A 164 -13.17 28.07 43.15
CA SER A 164 -11.80 28.19 43.60
C SER A 164 -11.73 28.14 45.12
N GLY A 165 -10.70 27.48 45.64
CA GLY A 165 -10.57 27.27 47.07
C GLY A 165 -11.26 26.03 47.59
N VAL A 166 -11.71 25.15 46.71
CA VAL A 166 -12.47 23.95 47.08
C VAL A 166 -11.54 22.75 47.07
N HIS A 167 -11.73 21.85 48.03
CA HIS A 167 -11.09 20.54 48.05
C HIS A 167 -12.16 19.51 48.40
N THR A 168 -12.68 18.81 47.39
CA THR A 168 -13.59 17.70 47.60
C THR A 168 -12.81 16.40 47.71
N PHE A 169 -13.02 15.69 48.77
CA PHE A 169 -12.16 14.54 48.97
C PHE A 169 -12.82 13.26 48.48
N PRO A 170 -12.02 12.34 47.95
CA PRO A 170 -12.57 11.08 47.43
C PRO A 170 -13.37 10.34 48.49
N ALA A 171 -14.55 9.87 48.08
CA ALA A 171 -15.39 9.09 48.98
C ALA A 171 -14.70 7.78 49.35
N VAL A 172 -14.78 7.43 50.63
CA VAL A 172 -14.20 6.19 51.12
C VAL A 172 -15.30 5.35 51.74
N LEU A 173 -15.27 4.04 51.48
CA LEU A 173 -16.32 3.14 51.89
C LEU A 173 -15.98 2.51 53.24
N GLN A 174 -16.97 2.44 54.12
CA GLN A 174 -16.82 1.79 55.41
C GLN A 174 -18.16 1.20 55.82
N SER A 175 -18.18 -0.11 56.08
CA SER A 175 -19.36 -0.81 56.55
C SER A 175 -20.54 -0.57 55.61
N ASP A 176 -20.30 -0.74 54.31
CA ASP A 176 -21.32 -0.63 53.26
C ASP A 176 -21.92 0.76 53.17
N LEU A 177 -21.20 1.80 53.63
CA LEU A 177 -21.68 3.17 53.53
C LEU A 177 -20.51 4.08 53.20
N TYR A 178 -20.71 4.96 52.21
CA TYR A 178 -19.68 5.91 51.84
C TYR A 178 -19.70 7.14 52.73
N THR A 179 -18.52 7.74 52.89
CA THR A 179 -18.37 9.03 53.56
C THR A 179 -17.52 9.93 52.66
N LEU A 180 -17.93 11.19 52.55
CA LEU A 180 -17.22 12.17 51.75
C LEU A 180 -17.27 13.52 52.46
N SER A 181 -16.17 14.25 52.38
CA SER A 181 -16.10 15.61 52.89
C SER A 181 -15.65 16.54 51.78
N SER A 182 -15.92 17.83 51.97
CA SER A 182 -15.43 18.87 51.08
C SER A 182 -15.06 20.08 51.91
N SER A 183 -13.95 20.73 51.55
CA SER A 183 -13.48 21.93 52.23
C SER A 183 -13.47 23.09 51.26
N VAL A 184 -13.88 24.26 51.73
CA VAL A 184 -13.83 25.48 50.94
C VAL A 184 -13.07 26.53 51.73
N THR A 185 -12.06 27.12 51.11
CA THR A 185 -11.26 28.16 51.73
C THR A 185 -11.62 29.49 51.09
N VAL A 186 -11.72 30.52 51.91
CA VAL A 186 -12.17 31.84 51.47
C VAL A 186 -11.81 32.83 52.57
N THR A 187 -11.44 34.05 52.21
CA THR A 187 -10.85 34.93 53.22
C THR A 187 -11.95 35.65 54.00
N SER A 188 -11.70 35.83 55.31
CA SER A 188 -12.71 36.39 56.23
C SER A 188 -13.27 37.71 55.74
N SER A 189 -12.68 38.28 54.68
CA SER A 189 -13.32 39.25 53.81
C SER A 189 -14.79 38.91 53.64
N THR A 190 -15.08 37.61 53.53
CA THR A 190 -16.33 37.08 52.99
C THR A 190 -17.23 36.45 54.04
N TRP A 191 -16.67 35.64 54.94
CA TRP A 191 -17.51 34.86 55.82
C TRP A 191 -17.35 35.29 57.27
N PRO A 192 -18.45 35.40 58.05
CA PRO A 192 -19.82 35.07 57.63
C PRO A 192 -20.59 36.22 57.00
N SER A 193 -19.91 37.09 56.25
CA SER A 193 -20.56 38.30 55.74
C SER A 193 -21.61 37.98 54.68
N GLN A 194 -21.28 37.13 53.72
CA GLN A 194 -22.22 36.81 52.65
C GLN A 194 -22.56 35.32 52.68
N SER A 195 -23.41 34.91 51.74
CA SER A 195 -24.11 33.63 51.79
C SER A 195 -23.35 32.58 51.01
N ILE A 196 -22.83 31.59 51.72
CA ILE A 196 -22.20 30.41 51.12
C ILE A 196 -22.96 29.18 51.62
N THR A 197 -23.33 28.29 50.69
CA THR A 197 -24.10 27.10 51.01
C THR A 197 -23.44 25.88 50.37
N CYS A 198 -23.72 24.72 50.95
CA CYS A 198 -23.21 23.44 50.47
C CYS A 198 -24.34 22.68 49.78
N ASN A 199 -24.18 22.45 48.48
CA ASN A 199 -25.19 21.77 47.67
C ASN A 199 -24.73 20.35 47.38
N VAL A 200 -25.57 19.37 47.73
CA VAL A 200 -25.26 17.96 47.48
C VAL A 200 -26.49 17.28 46.89
N ALA A 201 -26.25 16.40 45.92
CA ALA A 201 -27.30 15.65 45.25
C ALA A 201 -26.92 14.19 45.20
N HIS A 202 -27.91 13.32 45.41
CA HIS A 202 -27.72 11.86 45.40
C HIS A 202 -28.91 11.25 44.66
N PRO A 203 -28.83 11.18 43.34
CA PRO A 203 -30.01 10.77 42.55
C PRO A 203 -30.49 9.35 42.83
N ALA A 204 -29.64 8.48 43.36
CA ALA A 204 -30.05 7.09 43.62
C ALA A 204 -31.14 7.04 44.70
N SER A 205 -31.03 7.90 45.70
CA SER A 205 -32.04 8.03 46.74
C SER A 205 -32.97 9.22 46.50
N SER A 206 -32.87 9.85 45.33
CA SER A 206 -33.62 11.07 45.00
C SER A 206 -33.52 12.08 46.14
N THR A 207 -32.29 12.41 46.50
CA THR A 207 -32.00 13.33 47.58
C THR A 207 -31.40 14.62 47.02
N LYS A 208 -31.93 15.76 47.45
CA LYS A 208 -31.38 17.07 47.13
C LYS A 208 -31.32 17.87 48.42
N VAL A 209 -30.12 18.31 48.79
CA VAL A 209 -29.90 18.94 50.09
C VAL A 209 -29.03 20.18 49.91
N ASP A 210 -29.44 21.29 50.53
CA ASP A 210 -28.62 22.48 50.65
C ASP A 210 -28.52 22.83 52.13
N LYS A 211 -27.30 23.01 52.63
CA LYS A 211 -27.08 23.30 54.05
C LYS A 211 -26.13 24.47 54.18
N LYS A 212 -26.64 25.60 54.68
CA LYS A 212 -25.86 26.81 54.84
C LYS A 212 -24.98 26.66 56.07
N ILE A 213 -23.80 27.30 56.05
CA ILE A 213 -22.78 27.09 57.06
C ILE A 213 -22.68 28.38 57.88
N GLU A 214 -23.27 28.39 59.14
CA GLU A 214 -23.33 29.57 60.00
C GLU A 214 -22.64 29.36 61.34
N PRO A 215 -21.98 30.41 61.90
CA PRO A 215 -21.19 30.39 63.14
C PRO A 215 -21.77 29.55 64.28
N ASP B 1 1.30 -15.33 25.93
CA ASP B 1 1.26 -14.30 24.90
C ASP B 1 2.37 -13.28 25.09
N ILE B 2 2.31 -12.21 24.30
CA ILE B 2 3.32 -11.16 24.34
C ILE B 2 3.08 -10.31 25.58
N GLN B 3 3.93 -10.46 26.59
CA GLN B 3 3.80 -9.66 27.80
C GLN B 3 4.45 -8.30 27.61
N MET B 4 3.89 -7.30 28.30
CA MET B 4 4.38 -5.92 28.25
C MET B 4 4.81 -5.51 29.65
N THR B 5 6.09 -5.19 29.82
CA THR B 5 6.63 -4.74 31.09
C THR B 5 7.01 -3.27 30.98
N GLN B 6 6.60 -2.48 31.97
CA GLN B 6 6.83 -1.04 32.01
C GLN B 6 7.88 -0.71 33.06
N SER B 7 8.58 0.39 32.85
CA SER B 7 9.61 0.83 33.77
C SER B 7 9.81 2.33 33.62
N PRO B 8 10.05 3.06 34.73
CA PRO B 8 10.11 2.52 36.08
C PRO B 8 8.73 2.39 36.72
N ALA B 9 8.70 1.96 37.98
CA ALA B 9 7.42 1.85 38.68
C ALA B 9 6.84 3.22 38.98
N SER B 10 7.69 4.21 39.27
CA SER B 10 7.22 5.54 39.61
C SER B 10 8.35 6.54 39.46
N LEU B 11 7.97 7.81 39.24
CA LEU B 11 8.92 8.90 39.12
C LEU B 11 8.35 10.14 39.80
N SER B 12 9.24 10.99 40.28
CA SER B 12 8.90 12.29 40.86
C SER B 12 9.77 13.34 40.18
N VAL B 13 9.18 14.09 39.25
CA VAL B 13 9.92 14.98 38.37
C VAL B 13 9.34 16.39 38.46
N SER B 14 10.23 17.38 38.51
CA SER B 14 9.83 18.77 38.65
C SER B 14 9.29 19.32 37.32
N VAL B 15 8.55 20.42 37.43
CA VAL B 15 8.01 21.08 36.24
C VAL B 15 9.16 21.64 35.42
N GLY B 16 9.07 21.50 34.10
CA GLY B 16 10.07 21.99 33.18
C GLY B 16 11.18 21.01 32.85
N GLU B 17 11.29 19.92 33.58
CA GLU B 17 12.30 18.91 33.31
C GLU B 17 11.71 17.82 32.41
N SER B 18 12.51 16.80 32.10
CA SER B 18 12.13 15.80 31.12
C SER B 18 11.78 14.48 31.79
N VAL B 19 11.03 13.66 31.05
CA VAL B 19 10.51 12.39 31.55
C VAL B 19 10.54 11.38 30.41
N THR B 20 10.97 10.16 30.72
CA THR B 20 10.96 9.06 29.75
C THR B 20 10.54 7.78 30.45
N ILE B 21 9.50 7.13 29.93
CA ILE B 21 9.07 5.81 30.41
C ILE B 21 9.40 4.79 29.33
N ILE B 22 9.58 3.54 29.75
CA ILE B 22 9.94 2.45 28.85
C ILE B 22 8.84 1.40 28.87
N CYS B 23 8.48 0.90 27.68
CA CYS B 23 7.65 -0.28 27.52
C CYS B 23 8.44 -1.29 26.69
N ARG B 24 8.55 -2.51 27.21
CA ARG B 24 9.28 -3.58 26.52
C ARG B 24 8.37 -4.77 26.33
N ALA B 25 8.14 -5.15 25.08
CA ALA B 25 7.35 -6.32 24.75
C ALA B 25 8.22 -7.56 24.75
N SER B 26 7.61 -8.70 25.03
CA SER B 26 8.36 -9.95 25.07
C SER B 26 8.70 -10.46 23.67
N GLU B 27 8.04 -9.96 22.63
CA GLU B 27 8.36 -10.26 21.25
C GLU B 27 8.20 -8.99 20.43
N ASN B 28 8.66 -9.05 19.17
CA ASN B 28 8.50 -7.92 18.27
C ASN B 28 7.02 -7.68 17.98
N ILE B 29 6.56 -6.45 18.22
CA ILE B 29 5.16 -6.10 18.05
C ILE B 29 4.92 -5.11 16.91
N ASN B 30 5.97 -4.76 16.16
CA ASN B 30 5.84 -4.00 14.91
C ASN B 30 5.28 -2.59 15.14
N SER B 31 5.68 -1.95 16.24
CA SER B 31 5.26 -0.59 16.57
C SER B 31 3.76 -0.46 16.74
N ASN B 32 3.08 -1.57 17.08
CA ASN B 32 1.65 -1.54 17.35
C ASN B 32 1.45 -1.30 18.85
N LEU B 33 1.80 -0.08 19.26
CA LEU B 33 1.83 0.27 20.67
C LEU B 33 1.13 1.60 20.90
N ALA B 34 0.27 1.64 21.91
CA ALA B 34 -0.42 2.83 22.35
C ALA B 34 0.07 3.25 23.74
N TRP B 35 -0.05 4.54 24.03
CA TRP B 35 0.27 5.07 25.34
C TRP B 35 -0.93 5.82 25.91
N TYR B 36 -1.19 5.62 27.21
CA TYR B 36 -2.31 6.25 27.89
C TYR B 36 -1.84 7.01 29.10
N GLN B 37 -2.51 8.13 29.37
CA GLN B 37 -2.43 8.79 30.67
C GLN B 37 -3.76 8.60 31.37
N GLN B 38 -3.71 8.25 32.65
CA GLN B 38 -4.93 8.05 33.43
C GLN B 38 -4.80 8.79 34.76
N LYS B 39 -5.71 9.74 34.97
CA LYS B 39 -5.81 10.42 36.26
C LYS B 39 -6.78 9.69 37.17
N GLN B 40 -6.61 9.88 38.47
CA GLN B 40 -7.39 9.14 39.45
C GLN B 40 -8.88 9.42 39.29
N GLY B 41 -9.64 8.35 39.05
CA GLY B 41 -11.08 8.47 38.92
C GLY B 41 -11.59 8.88 37.56
N LYS B 42 -10.78 8.72 36.51
CA LYS B 42 -11.16 9.09 35.16
C LYS B 42 -10.72 8.01 34.21
N PRO B 43 -11.37 7.86 33.06
CA PRO B 43 -10.94 6.87 32.06
C PRO B 43 -9.54 7.23 31.53
N PRO B 44 -8.81 6.23 31.05
CA PRO B 44 -7.49 6.54 30.49
C PRO B 44 -7.64 7.34 29.22
N GLN B 45 -6.70 8.24 28.99
CA GLN B 45 -6.70 9.13 27.84
C GLN B 45 -5.59 8.71 26.89
N LEU B 46 -5.95 8.44 25.65
CA LEU B 46 -4.97 8.03 24.65
C LEU B 46 -4.04 9.19 24.32
N LEU B 47 -2.73 8.94 24.43
CA LEU B 47 -1.72 9.93 24.11
C LEU B 47 -1.05 9.66 22.77
N VAL B 48 -0.53 8.45 22.59
CA VAL B 48 0.21 8.06 21.40
C VAL B 48 -0.38 6.76 20.88
N TYR B 49 -0.41 6.62 19.56
CA TYR B 49 -0.88 5.40 18.93
C TYR B 49 0.04 5.06 17.76
N ALA B 50 0.09 3.78 17.42
CA ALA B 50 1.06 3.25 16.46
C ALA B 50 2.46 3.75 16.80
N ALA B 51 2.78 3.78 18.10
CA ALA B 51 4.11 4.03 18.63
C ALA B 51 4.56 5.48 18.57
N THR B 52 4.18 6.25 17.54
CA THR B 52 4.76 7.58 17.36
C THR B 52 3.76 8.72 17.15
N ASN B 53 2.48 8.44 16.86
CA ASN B 53 1.55 9.48 16.47
C ASN B 53 0.75 9.97 17.66
N LEU B 54 0.70 11.30 17.83
CA LEU B 54 -0.07 11.89 18.92
C LEU B 54 -1.57 11.77 18.66
N ALA B 55 -2.33 11.52 19.72
CA ALA B 55 -3.78 11.42 19.63
C ALA B 55 -4.41 12.81 19.74
N GLY B 56 -5.74 12.85 19.66
CA GLY B 56 -6.47 14.11 19.63
C GLY B 56 -6.27 15.00 20.84
N GLY B 57 -5.90 16.25 20.62
CA GLY B 57 -5.71 17.20 21.69
C GLY B 57 -4.44 17.05 22.50
N VAL B 58 -3.56 16.12 22.14
CA VAL B 58 -2.35 15.88 22.92
C VAL B 58 -1.30 16.91 22.56
N PRO B 59 -0.67 17.58 23.53
CA PRO B 59 0.30 18.63 23.21
C PRO B 59 1.58 18.06 22.60
N SER B 60 2.27 18.92 21.85
CA SER B 60 3.46 18.49 21.13
C SER B 60 4.62 18.12 22.04
N ARG B 61 4.54 18.41 23.34
CA ARG B 61 5.62 18.03 24.24
C ARG B 61 5.64 16.52 24.53
N PHE B 62 4.65 15.78 24.05
CA PHE B 62 4.66 14.33 24.10
C PHE B 62 5.26 13.77 22.81
N SER B 63 5.89 12.59 22.93
CA SER B 63 6.44 11.92 21.77
C SER B 63 6.54 10.43 22.06
N GLY B 64 6.52 9.63 21.00
CA GLY B 64 6.73 8.20 21.09
C GLY B 64 7.90 7.78 20.22
N SER B 65 8.63 6.78 20.67
CA SER B 65 9.79 6.30 19.93
C SER B 65 9.94 4.80 20.14
N GLY B 66 10.78 4.19 19.34
CA GLY B 66 11.16 2.81 19.54
C GLY B 66 10.69 1.91 18.41
N SER B 67 11.19 0.68 18.43
CA SER B 67 10.89 -0.29 17.40
C SER B 67 11.14 -1.68 17.97
N GLY B 68 10.68 -2.69 17.24
CA GLY B 68 10.87 -4.06 17.66
C GLY B 68 10.19 -4.37 18.98
N THR B 69 10.99 -4.48 20.04
CA THR B 69 10.49 -4.85 21.35
C THR B 69 10.66 -3.78 22.41
N GLN B 70 11.36 -2.68 22.12
CA GLN B 70 11.61 -1.63 23.09
C GLN B 70 11.03 -0.30 22.60
N TYR B 71 10.22 0.33 23.44
CA TYR B 71 9.53 1.57 23.10
C TYR B 71 9.58 2.51 24.29
N SER B 72 9.33 3.79 24.02
CA SER B 72 9.43 4.78 25.08
C SER B 72 8.51 5.95 24.79
N LEU B 73 8.00 6.55 25.86
CA LEU B 73 7.26 7.80 25.82
C LEU B 73 8.07 8.88 26.53
N LYS B 74 8.13 10.07 25.94
CA LYS B 74 8.91 11.16 26.51
C LYS B 74 8.08 12.43 26.59
N ILE B 75 8.30 13.19 27.67
CA ILE B 75 7.77 14.53 27.85
C ILE B 75 8.97 15.46 28.00
N ASN B 76 9.24 16.26 26.97
CA ASN B 76 10.50 16.99 26.94
C ASN B 76 10.54 18.13 27.94
N SER B 77 9.39 18.73 28.26
CA SER B 77 9.30 19.74 29.30
C SER B 77 7.98 19.51 30.04
N LEU B 78 8.06 19.02 31.27
CA LEU B 78 6.89 18.51 31.96
C LEU B 78 6.08 19.64 32.60
N GLN B 79 4.80 19.70 32.26
CA GLN B 79 3.88 20.66 32.87
C GLN B 79 3.17 20.03 34.05
N SER B 80 2.64 20.88 34.94
CA SER B 80 2.02 20.39 36.16
C SER B 80 0.71 19.65 35.90
N GLU B 81 0.16 19.74 34.70
CA GLU B 81 -1.07 19.02 34.36
C GLU B 81 -0.82 17.55 34.02
N ASP B 82 0.42 17.09 34.11
CA ASP B 82 0.80 15.80 33.54
C ASP B 82 1.03 14.70 34.57
N PHE B 83 0.62 14.92 35.81
CA PHE B 83 0.64 13.84 36.78
C PHE B 83 -0.37 12.77 36.39
N GLY B 84 -0.12 11.55 36.80
CA GLY B 84 -1.02 10.45 36.53
C GLY B 84 -0.25 9.16 36.46
N THR B 85 -0.98 8.10 36.13
CA THR B 85 -0.39 6.80 35.87
C THR B 85 -0.41 6.56 34.36
N TYR B 86 0.74 6.14 33.82
CA TYR B 86 0.91 5.98 32.39
C TYR B 86 0.98 4.49 32.04
N TYR B 87 0.26 4.10 30.99
CA TYR B 87 0.18 2.72 30.56
C TYR B 87 0.53 2.62 29.08
N CYS B 88 1.20 1.53 28.71
CA CYS B 88 1.33 1.16 27.32
C CYS B 88 0.38 0.01 26.99
N GLN B 89 0.14 -0.20 25.70
CA GLN B 89 -0.76 -1.27 25.29
C GLN B 89 -0.35 -1.78 23.91
N HIS B 90 -0.26 -3.10 23.79
CA HIS B 90 -0.09 -3.74 22.50
C HIS B 90 -1.44 -3.77 21.80
N VAL B 91 -1.50 -3.20 20.59
CA VAL B 91 -2.77 -3.03 19.88
C VAL B 91 -2.64 -3.72 18.52
N TRP B 92 -2.94 -5.03 18.50
CA TRP B 92 -2.95 -5.82 17.28
C TRP B 92 -3.52 -7.21 17.58
N GLY B 93 -4.44 -7.68 16.74
CA GLY B 93 -5.02 -8.99 16.91
C GLY B 93 -5.66 -9.14 18.27
N SER B 94 -5.29 -10.19 18.98
CA SER B 94 -5.71 -10.43 20.35
C SER B 94 -4.63 -11.27 21.00
N PRO B 95 -4.32 -11.05 22.28
CA PRO B 95 -4.94 -10.04 23.14
C PRO B 95 -4.26 -8.67 23.04
N TRP B 96 -4.92 -7.64 23.54
CA TRP B 96 -4.38 -6.28 23.57
C TRP B 96 -3.89 -5.96 24.98
N THR B 97 -2.83 -6.64 25.39
CA THR B 97 -2.45 -6.60 26.81
C THR B 97 -1.77 -5.27 27.16
N PHE B 98 -1.82 -4.95 28.45
CA PHE B 98 -1.35 -3.67 28.98
C PHE B 98 -0.05 -3.85 29.75
N GLY B 99 0.69 -2.76 29.88
CA GLY B 99 1.79 -2.73 30.82
C GLY B 99 1.29 -2.59 32.25
N GLY B 100 2.22 -2.77 33.19
CA GLY B 100 1.87 -2.64 34.59
C GLY B 100 1.61 -1.22 35.05
N GLY B 101 1.94 -0.23 34.23
CA GLY B 101 1.75 1.16 34.58
C GLY B 101 3.00 1.80 35.16
N THR B 102 3.05 3.13 35.06
CA THR B 102 4.12 3.93 35.63
C THR B 102 3.47 5.15 36.28
N LYS B 103 3.64 5.30 37.60
CA LYS B 103 3.03 6.38 38.34
C LYS B 103 3.95 7.60 38.31
N LEU B 104 3.47 8.69 37.73
CA LEU B 104 4.25 9.92 37.61
C LEU B 104 3.72 10.96 38.58
N GLU B 105 4.57 11.37 39.53
CA GLU B 105 4.28 12.49 40.41
C GLU B 105 5.14 13.68 40.00
N ILE B 106 4.62 14.88 40.23
CA ILE B 106 5.32 16.12 39.90
C ILE B 106 6.03 16.61 41.16
N LYS B 107 7.36 16.57 41.14
CA LYS B 107 8.12 17.07 42.26
C LYS B 107 7.95 18.59 42.38
N ARG B 108 8.15 19.08 43.58
CA ARG B 108 7.73 20.43 43.95
C ARG B 108 8.39 20.79 45.27
N ALA B 109 8.44 22.09 45.56
CA ALA B 109 8.97 22.53 46.85
C ALA B 109 8.07 22.06 48.00
N ASP B 110 8.66 21.95 49.18
CA ASP B 110 7.88 21.57 50.36
C ASP B 110 6.92 22.67 50.74
N ALA B 111 5.77 22.26 51.28
CA ALA B 111 4.75 23.21 51.73
C ALA B 111 4.11 22.68 53.00
N ALA B 112 4.03 23.53 54.01
CA ALA B 112 3.41 23.14 55.26
C ALA B 112 1.90 23.03 55.08
N PRO B 113 1.27 22.06 55.75
CA PRO B 113 -0.19 21.91 55.64
C PRO B 113 -0.91 22.94 56.48
N THR B 114 -1.88 23.63 55.87
CA THR B 114 -2.79 24.51 56.59
C THR B 114 -3.88 23.64 57.23
N VAL B 115 -3.88 23.59 58.56
CA VAL B 115 -4.69 22.63 59.31
C VAL B 115 -5.91 23.34 59.88
N SER B 116 -7.07 22.68 59.81
CA SER B 116 -8.32 23.24 60.29
C SER B 116 -9.14 22.18 60.99
N ILE B 117 -9.70 22.54 62.14
CA ILE B 117 -10.53 21.66 62.95
C ILE B 117 -11.93 22.26 63.03
N PHE B 118 -12.95 21.40 63.07
CA PHE B 118 -14.34 21.84 63.02
C PHE B 118 -15.16 21.09 64.06
N PRO B 119 -16.10 21.77 64.72
CA PRO B 119 -16.89 21.11 65.76
C PRO B 119 -17.98 20.25 65.15
N PRO B 120 -18.52 19.29 65.91
CA PRO B 120 -19.67 18.53 65.43
C PRO B 120 -20.84 19.44 65.11
N SER B 121 -21.39 19.28 63.91
CA SER B 121 -22.57 20.04 63.53
C SER B 121 -23.71 19.76 64.50
N SER B 122 -24.53 20.78 64.77
CA SER B 122 -25.59 20.64 65.75
C SER B 122 -26.62 19.62 65.29
N GLU B 123 -26.90 19.58 63.98
CA GLU B 123 -27.87 18.62 63.46
C GLU B 123 -27.33 17.21 63.58
N GLN B 124 -26.02 17.03 63.40
CA GLN B 124 -25.41 15.72 63.65
C GLN B 124 -25.45 15.36 65.13
N LEU B 125 -25.44 16.37 66.02
CA LEU B 125 -25.58 16.05 67.43
C LEU B 125 -26.97 15.55 67.77
N THR B 126 -27.99 16.06 67.08
CA THR B 126 -29.32 15.48 67.19
C THR B 126 -29.39 14.08 66.57
N SER B 127 -28.46 13.74 65.68
CA SER B 127 -28.49 12.44 65.02
C SER B 127 -28.26 11.32 66.01
N GLY B 128 -27.25 11.45 66.87
CA GLY B 128 -26.78 10.34 67.66
C GLY B 128 -25.27 10.30 67.59
N GLY B 129 -24.69 11.16 66.74
CA GLY B 129 -23.26 11.18 66.49
C GLY B 129 -22.66 12.57 66.67
N ALA B 130 -21.35 12.63 66.46
CA ALA B 130 -20.61 13.88 66.59
C ALA B 130 -19.31 13.78 65.80
N SER B 131 -18.94 14.87 65.13
CA SER B 131 -17.86 14.87 64.15
C SER B 131 -16.91 16.03 64.42
N VAL B 132 -15.66 15.70 64.72
CA VAL B 132 -14.62 16.72 64.65
C VAL B 132 -13.64 16.35 63.53
N VAL B 133 -13.66 17.16 62.49
CA VAL B 133 -13.01 16.88 61.22
C VAL B 133 -11.77 17.76 61.12
N CYS B 134 -10.67 17.19 60.61
CA CYS B 134 -9.41 17.90 60.49
C CYS B 134 -9.06 17.98 59.01
N PHE B 135 -8.96 19.20 58.48
CA PHE B 135 -8.58 19.42 57.09
C PHE B 135 -7.11 19.79 57.02
N LEU B 136 -6.36 19.05 56.21
CA LEU B 136 -4.92 19.27 56.01
C LEU B 136 -4.74 19.64 54.54
N ASN B 137 -4.53 20.93 54.26
CA ASN B 137 -4.67 21.46 52.91
C ASN B 137 -3.33 21.93 52.36
N ASN B 138 -3.02 21.49 51.14
CA ASN B 138 -1.96 22.06 50.31
C ASN B 138 -0.57 21.86 50.88
N PHE B 139 -0.20 20.59 51.12
CA PHE B 139 1.09 20.23 51.68
C PHE B 139 1.86 19.34 50.71
N TYR B 140 3.19 19.48 50.72
CA TYR B 140 4.09 18.64 49.94
C TYR B 140 5.33 18.40 50.78
N PRO B 141 5.86 17.16 50.82
CA PRO B 141 5.43 15.97 50.04
C PRO B 141 4.15 15.32 50.56
N LYS B 142 3.71 14.28 49.86
CA LYS B 142 2.45 13.63 50.20
C LYS B 142 2.49 12.99 51.58
N ASP B 143 3.64 12.43 51.94
CA ASP B 143 3.75 11.66 53.18
C ASP B 143 3.40 12.52 54.39
N ILE B 144 2.32 12.14 55.07
CA ILE B 144 1.85 12.85 56.26
C ILE B 144 1.28 11.82 57.24
N ASN B 145 1.43 12.11 58.53
CA ASN B 145 0.96 11.24 59.59
C ASN B 145 0.23 12.10 60.62
N VAL B 146 -0.96 11.68 61.02
CA VAL B 146 -1.84 12.49 61.86
C VAL B 146 -2.29 11.66 63.07
N LYS B 147 -2.34 12.31 64.23
CA LYS B 147 -2.85 11.72 65.46
C LYS B 147 -4.13 12.43 65.88
N TRP B 148 -4.73 11.92 66.96
CA TRP B 148 -6.00 12.44 67.45
C TRP B 148 -6.04 12.22 68.95
N LYS B 149 -5.85 13.28 69.74
CA LYS B 149 -5.86 13.17 71.19
C LYS B 149 -7.15 13.72 71.77
N ILE B 150 -7.57 13.13 72.88
CA ILE B 150 -8.84 13.43 73.54
C ILE B 150 -8.50 13.86 74.96
N ASP B 151 -8.49 15.17 75.20
CA ASP B 151 -8.05 15.74 76.48
C ASP B 151 -6.64 15.31 76.85
N GLY B 152 -5.82 15.01 75.86
CA GLY B 152 -4.46 14.57 76.11
C GLY B 152 -4.13 13.18 75.60
N SER B 153 -5.08 12.25 75.71
CA SER B 153 -4.85 10.87 75.32
C SER B 153 -5.37 10.60 73.92
N GLU B 154 -4.71 9.67 73.23
CA GLU B 154 -4.86 9.49 71.79
C GLU B 154 -6.20 8.84 71.43
N ARG B 155 -6.36 8.56 70.13
CA ARG B 155 -7.50 7.81 69.60
C ARG B 155 -7.11 7.31 68.23
N GLN B 156 -7.29 6.00 67.97
CA GLN B 156 -6.71 5.39 66.79
C GLN B 156 -7.68 4.55 65.95
N ASN B 157 -8.94 4.39 66.36
CA ASN B 157 -9.92 3.75 65.50
C ASN B 157 -11.23 4.53 65.58
N GLY B 158 -12.07 4.31 64.57
CA GLY B 158 -13.11 5.26 64.26
C GLY B 158 -12.64 6.42 63.43
N VAL B 159 -11.34 6.45 63.11
CA VAL B 159 -10.73 7.48 62.26
C VAL B 159 -10.83 7.03 60.81
N LEU B 160 -11.16 7.97 59.93
CA LEU B 160 -11.26 7.69 58.50
C LEU B 160 -10.74 8.86 57.70
N ASN B 161 -9.73 8.61 56.87
CA ASN B 161 -8.97 9.65 56.24
C ASN B 161 -8.94 9.44 54.73
N SER B 162 -8.86 10.54 53.99
CA SER B 162 -8.79 10.50 52.54
C SER B 162 -7.98 11.69 52.04
N TRP B 163 -7.07 11.44 51.10
CA TRP B 163 -6.34 12.48 50.40
C TRP B 163 -6.95 12.75 49.03
N THR B 164 -6.75 13.96 48.53
CA THR B 164 -7.00 14.25 47.13
C THR B 164 -5.79 13.83 46.30
N ASP B 165 -5.98 13.75 44.99
CA ASP B 165 -4.84 13.60 44.10
C ASP B 165 -4.05 14.92 44.06
N GLN B 166 -2.90 14.87 43.37
CA GLN B 166 -2.09 16.08 43.23
C GLN B 166 -2.90 17.19 42.55
N ASP B 167 -2.84 18.39 43.12
CA ASP B 167 -3.52 19.52 42.53
C ASP B 167 -2.97 19.79 41.13
N SER B 168 -3.89 19.92 40.16
CA SER B 168 -3.48 20.16 38.78
C SER B 168 -2.84 21.52 38.58
N LYS B 169 -2.95 22.43 39.55
CA LYS B 169 -2.46 23.80 39.42
C LYS B 169 -1.10 24.01 40.11
N ASP B 170 -0.96 23.56 41.36
CA ASP B 170 0.26 23.79 42.13
C ASP B 170 0.89 22.54 42.71
N SER B 171 0.36 21.35 42.39
CA SER B 171 0.96 20.06 42.70
C SER B 171 1.02 19.76 44.19
N THR B 172 0.18 20.41 45.01
CA THR B 172 0.12 20.07 46.42
C THR B 172 -0.99 19.03 46.67
N TYR B 173 -0.92 18.42 47.84
CA TYR B 173 -1.90 17.42 48.27
C TYR B 173 -2.79 18.01 49.36
N SER B 174 -3.93 17.36 49.56
CA SER B 174 -4.83 17.72 50.65
C SER B 174 -5.40 16.46 51.26
N MET B 175 -5.70 16.55 52.56
CA MET B 175 -6.14 15.43 53.37
C MET B 175 -7.25 15.86 54.32
N SER B 176 -8.26 15.00 54.45
CA SER B 176 -9.33 15.19 55.43
C SER B 176 -9.32 14.02 56.40
N SER B 177 -9.40 14.32 57.69
CA SER B 177 -9.46 13.32 58.74
C SER B 177 -10.70 13.60 59.59
N THR B 178 -11.65 12.66 59.57
CA THR B 178 -12.97 12.88 60.16
C THR B 178 -13.17 11.95 61.34
N LEU B 179 -14.08 12.38 62.24
CA LEU B 179 -14.25 11.79 63.58
C LEU B 179 -15.74 11.74 63.96
N THR B 180 -16.49 10.82 63.34
CA THR B 180 -17.93 10.71 63.57
C THR B 180 -18.16 9.59 64.56
N LEU B 181 -18.55 9.97 65.75
CA LEU B 181 -18.46 9.17 66.96
C LEU B 181 -19.84 9.16 67.61
N THR B 182 -20.07 8.25 68.55
CA THR B 182 -21.33 8.36 69.29
C THR B 182 -21.39 9.73 69.98
N LYS B 183 -22.60 10.22 70.19
CA LYS B 183 -22.74 11.58 70.71
C LYS B 183 -22.43 11.63 72.21
N ASP B 184 -22.90 10.63 72.97
CA ASP B 184 -22.61 10.54 74.40
C ASP B 184 -21.10 10.62 74.66
N GLU B 185 -20.31 9.95 73.83
CA GLU B 185 -18.86 9.93 73.98
C GLU B 185 -18.26 11.31 73.76
N TYR B 186 -18.77 12.06 72.74
CA TYR B 186 -18.31 13.44 72.55
C TYR B 186 -18.72 14.34 73.73
N GLU B 187 -19.81 13.98 74.43
CA GLU B 187 -20.34 14.78 75.53
C GLU B 187 -19.71 14.45 76.88
N ARG B 188 -18.49 13.89 76.91
CA ARG B 188 -17.77 13.65 78.16
C ARG B 188 -16.44 14.38 78.27
N HIS B 189 -15.64 14.43 77.20
CA HIS B 189 -14.25 14.88 77.28
C HIS B 189 -14.09 16.29 76.74
N ASN B 190 -13.20 17.06 77.35
CA ASN B 190 -13.07 18.48 77.05
C ASN B 190 -12.37 18.78 75.73
N SER B 191 -11.04 18.74 75.72
CA SER B 191 -10.28 19.21 74.57
C SER B 191 -10.03 18.07 73.58
N TYR B 192 -10.16 18.38 72.29
CA TYR B 192 -9.91 17.43 71.23
C TYR B 192 -8.89 18.01 70.26
N THR B 193 -7.84 17.22 69.97
CA THR B 193 -6.73 17.65 69.13
C THR B 193 -6.61 16.75 67.91
N CYS B 194 -6.09 17.31 66.79
CA CYS B 194 -5.93 16.59 65.50
C CYS B 194 -4.62 17.03 64.84
N GLU B 195 -3.49 16.55 65.35
CA GLU B 195 -2.21 17.18 65.07
C GLU B 195 -1.28 16.23 64.33
N ALA B 196 -0.98 16.57 63.08
CA ALA B 196 -0.12 15.79 62.20
C ALA B 196 1.32 16.29 62.26
N THR B 197 2.24 15.42 61.82
CA THR B 197 3.65 15.74 61.70
C THR B 197 4.06 15.62 60.24
N HIS B 198 4.80 16.61 59.75
CA HIS B 198 5.22 16.68 58.36
C HIS B 198 6.72 16.91 58.32
N LYS B 199 7.31 16.62 57.16
CA LYS B 199 8.73 16.90 56.97
C LYS B 199 9.02 18.40 57.07
N THR B 200 7.99 19.23 56.90
CA THR B 200 8.17 20.68 56.93
C THR B 200 8.64 21.17 58.30
N SER B 201 8.17 20.54 59.38
CA SER B 201 8.43 21.04 60.71
C SER B 201 8.84 19.93 61.65
N THR B 202 9.72 20.28 62.59
CA THR B 202 9.88 19.46 63.79
C THR B 202 8.80 19.84 64.78
N SER B 203 8.27 18.83 65.48
CA SER B 203 7.09 18.91 66.35
C SER B 203 5.84 18.99 65.48
N PRO B 204 4.65 18.76 66.05
CA PRO B 204 3.44 18.85 65.23
C PRO B 204 2.73 20.19 65.34
N ILE B 205 2.15 20.64 64.22
CA ILE B 205 1.11 21.65 64.23
C ILE B 205 0.06 21.24 65.26
N VAL B 206 -0.57 22.20 65.92
CA VAL B 206 -1.58 21.89 66.94
C VAL B 206 -2.75 22.84 66.76
N LYS B 207 -3.91 22.29 66.34
CA LYS B 207 -5.16 23.02 66.14
C LYS B 207 -6.25 22.36 66.96
N SER B 208 -6.91 23.11 67.84
CA SER B 208 -7.84 22.43 68.72
C SER B 208 -8.91 23.35 69.27
N PHE B 209 -10.06 22.75 69.59
CA PHE B 209 -11.26 23.43 70.07
C PHE B 209 -11.63 22.90 71.45
N ASN B 210 -12.61 23.57 72.06
CA ASN B 210 -13.08 23.25 73.39
C ASN B 210 -14.60 23.28 73.39
N ARG B 211 -15.23 22.38 74.14
CA ARG B 211 -16.67 22.20 74.03
C ARG B 211 -17.43 23.39 74.60
N ASN B 212 -17.27 23.64 75.89
CA ASN B 212 -18.00 24.70 76.57
C ASN B 212 -17.30 26.05 76.50
N GLU B 213 -16.20 26.14 75.75
CA GLU B 213 -15.50 27.40 75.55
C GLU B 213 -16.09 28.12 74.34
N CYS B 214 -16.34 29.41 74.51
CA CYS B 214 -17.18 30.21 73.61
C CYS B 214 -18.61 29.66 73.56
N GLU C 1 12.71 -12.49 -14.31
CA GLU C 1 12.49 -12.47 -15.74
C GLU C 1 11.75 -13.73 -16.19
N VAL C 2 11.24 -13.69 -17.42
CA VAL C 2 10.40 -14.75 -17.97
C VAL C 2 10.82 -14.99 -19.41
N GLN C 3 10.83 -16.26 -19.82
CA GLN C 3 11.15 -16.65 -21.18
C GLN C 3 9.93 -17.26 -21.86
N LEU C 4 9.81 -17.00 -23.16
CA LEU C 4 8.73 -17.56 -23.97
C LEU C 4 9.32 -18.01 -25.30
N GLU C 5 9.18 -19.29 -25.63
CA GLU C 5 9.76 -19.86 -26.84
C GLU C 5 8.65 -20.44 -27.70
N GLU C 6 8.58 -20.01 -28.95
CA GLU C 6 7.50 -20.36 -29.86
C GLU C 6 7.99 -21.39 -30.89
N SER C 7 7.02 -21.88 -31.67
CA SER C 7 7.31 -22.91 -32.67
C SER C 7 8.19 -22.36 -33.79
N GLY C 8 8.62 -23.27 -34.66
CA GLY C 8 9.34 -22.89 -35.86
C GLY C 8 8.41 -22.36 -36.93
N PRO C 9 9.01 -21.92 -38.04
CA PRO C 9 8.20 -21.38 -39.13
C PRO C 9 7.31 -22.45 -39.74
N GLU C 10 6.20 -22.00 -40.34
CA GLU C 10 5.22 -22.89 -40.93
C GLU C 10 4.87 -22.43 -42.32
N GLN C 11 4.74 -23.38 -43.25
CA GLN C 11 4.26 -23.13 -44.60
C GLN C 11 3.05 -24.00 -44.86
N LYS C 12 1.93 -23.38 -45.19
CA LYS C 12 0.69 -24.08 -45.52
C LYS C 12 0.07 -23.41 -46.74
N LYS C 13 -0.83 -24.12 -47.41
CA LYS C 13 -1.59 -23.51 -48.49
C LYS C 13 -3.02 -23.26 -48.04
N PRO C 14 -3.77 -22.41 -48.75
CA PRO C 14 -5.13 -22.08 -48.31
C PRO C 14 -5.99 -23.32 -48.13
N GLY C 15 -6.67 -23.38 -46.98
CA GLY C 15 -7.62 -24.43 -46.67
C GLY C 15 -7.24 -25.28 -45.47
N GLU C 16 -5.94 -25.44 -45.22
CA GLU C 16 -5.52 -26.35 -44.17
C GLU C 16 -5.34 -25.60 -42.84
N THR C 17 -4.86 -26.33 -41.84
CA THR C 17 -4.82 -25.88 -40.45
C THR C 17 -3.40 -25.88 -39.93
N VAL C 18 -3.07 -24.85 -39.15
CA VAL C 18 -1.80 -24.75 -38.45
C VAL C 18 -2.07 -24.55 -36.97
N MET C 19 -1.16 -25.07 -36.13
CA MET C 19 -1.21 -24.84 -34.69
C MET C 19 0.18 -24.44 -34.22
N MET C 20 0.28 -23.24 -33.66
CA MET C 20 1.53 -22.73 -33.11
C MET C 20 1.50 -22.82 -31.59
N SER C 21 2.68 -22.92 -30.99
CA SER C 21 2.81 -23.04 -29.54
C SER C 21 3.72 -21.95 -29.01
N CYS C 22 3.71 -21.79 -27.68
CA CYS C 22 4.57 -20.82 -27.00
C CYS C 22 4.67 -21.25 -25.54
N LYS C 23 5.86 -21.66 -25.12
CA LYS C 23 6.05 -22.24 -23.80
C LYS C 23 6.77 -21.24 -22.90
N ALA C 24 6.15 -20.92 -21.76
CA ALA C 24 6.72 -19.98 -20.81
C ALA C 24 7.49 -20.70 -19.71
N SER C 25 8.49 -20.01 -19.17
CA SER C 25 9.26 -20.51 -18.04
C SER C 25 9.78 -19.32 -17.24
N GLY C 26 10.21 -19.60 -16.01
CA GLY C 26 10.65 -18.54 -15.11
C GLY C 26 9.59 -18.11 -14.12
N TYR C 27 9.45 -16.82 -13.90
CA TYR C 27 8.47 -16.32 -12.92
C TYR C 27 7.05 -16.50 -13.45
N THR C 28 6.09 -16.35 -12.53
CA THR C 28 4.68 -16.45 -12.87
C THR C 28 4.16 -15.12 -13.41
N PHE C 29 3.41 -15.18 -14.51
CA PHE C 29 2.80 -13.98 -15.07
C PHE C 29 1.95 -13.30 -14.00
N THR C 30 2.15 -11.99 -13.84
CA THR C 30 1.56 -11.27 -12.72
C THR C 30 0.04 -11.36 -12.74
N ASP C 31 -0.58 -11.14 -13.90
CA ASP C 31 -2.03 -11.22 -14.03
C ASP C 31 -2.48 -12.54 -14.64
N HIS C 32 -1.58 -13.53 -14.70
CA HIS C 32 -1.90 -14.88 -15.18
C HIS C 32 -2.46 -14.84 -16.60
N SER C 33 -1.68 -14.22 -17.49
CA SER C 33 -2.16 -14.03 -18.85
C SER C 33 -1.04 -14.22 -19.84
N MET C 34 -1.36 -14.83 -20.98
CA MET C 34 -0.49 -14.89 -22.14
C MET C 34 -1.28 -14.37 -23.33
N HIS C 35 -0.69 -13.41 -24.05
CA HIS C 35 -1.35 -12.73 -25.14
C HIS C 35 -0.66 -13.04 -26.46
N TRP C 36 -1.45 -13.04 -27.54
CA TRP C 36 -0.98 -13.31 -28.88
C TRP C 36 -1.06 -12.05 -29.74
N VAL C 37 -0.05 -11.83 -30.57
CA VAL C 37 0.05 -10.63 -31.41
C VAL C 37 0.28 -11.04 -32.85
N LYS C 38 -0.44 -10.41 -33.76
CA LYS C 38 -0.34 -10.66 -35.19
C LYS C 38 0.38 -9.50 -35.87
N GLN C 39 1.39 -9.82 -36.68
CA GLN C 39 2.09 -8.81 -37.47
C GLN C 39 2.13 -9.25 -38.92
N ALA C 40 1.21 -8.72 -39.72
CA ALA C 40 1.19 -8.99 -41.14
C ALA C 40 2.24 -8.14 -41.85
N PRO C 41 2.76 -8.61 -42.98
CA PRO C 41 3.76 -7.83 -43.73
C PRO C 41 3.18 -6.51 -44.22
N GLY C 42 3.81 -5.41 -43.80
CA GLY C 42 3.34 -4.08 -44.13
C GLY C 42 2.38 -3.49 -43.12
N LYS C 43 1.70 -4.32 -42.33
CA LYS C 43 0.83 -3.85 -41.27
C LYS C 43 1.58 -3.81 -39.95
N GLY C 44 0.98 -3.15 -38.97
CA GLY C 44 1.61 -2.97 -37.68
C GLY C 44 1.36 -4.15 -36.75
N LEU C 45 1.66 -3.93 -35.47
CA LEU C 45 1.39 -4.92 -34.44
C LEU C 45 -0.08 -4.84 -34.04
N LYS C 46 -0.74 -6.00 -34.00
CA LYS C 46 -2.17 -6.05 -33.70
C LYS C 46 -2.41 -7.10 -32.64
N TRP C 47 -3.01 -6.68 -31.53
CA TRP C 47 -3.41 -7.59 -30.46
C TRP C 47 -4.48 -8.55 -30.95
N MET C 48 -4.29 -9.85 -30.68
CA MET C 48 -5.24 -10.88 -31.08
C MET C 48 -6.13 -11.31 -29.93
N GLY C 49 -5.53 -11.77 -28.83
CA GLY C 49 -6.30 -12.29 -27.72
C GLY C 49 -5.38 -12.72 -26.62
N TRP C 50 -5.98 -13.17 -25.52
CA TRP C 50 -5.24 -13.66 -24.37
C TRP C 50 -5.93 -14.91 -23.83
N ILE C 51 -5.14 -15.74 -23.13
CA ILE C 51 -5.66 -16.93 -22.49
C ILE C 51 -5.30 -16.87 -21.01
N ASN C 52 -6.26 -17.26 -20.17
CA ASN C 52 -6.02 -17.31 -18.74
C ASN C 52 -5.10 -18.49 -18.42
N THR C 53 -3.97 -18.21 -17.77
CA THR C 53 -3.00 -19.27 -17.50
C THR C 53 -3.38 -20.15 -16.31
N GLU C 54 -4.32 -19.70 -15.47
CA GLU C 54 -4.78 -20.53 -14.37
C GLU C 54 -5.90 -21.47 -14.79
N THR C 55 -6.82 -21.00 -15.64
CA THR C 55 -8.01 -21.76 -16.01
C THR C 55 -8.08 -22.13 -17.48
N GLY C 56 -7.21 -21.59 -18.33
CA GLY C 56 -7.24 -21.91 -19.74
C GLY C 56 -8.40 -21.31 -20.51
N GLU C 57 -8.96 -20.21 -20.03
CA GLU C 57 -10.14 -19.62 -20.67
C GLU C 57 -9.73 -18.69 -21.80
N PRO C 58 -10.15 -18.96 -23.04
CA PRO C 58 -9.71 -18.13 -24.16
C PRO C 58 -10.57 -16.89 -24.33
N THR C 59 -9.93 -15.80 -24.75
CA THR C 59 -10.61 -14.53 -24.97
C THR C 59 -9.98 -13.86 -26.19
N CYS C 60 -10.75 -13.70 -27.25
CA CYS C 60 -10.23 -13.20 -28.50
C CYS C 60 -10.91 -11.90 -28.90
N ALA C 61 -10.20 -11.10 -29.68
CA ALA C 61 -10.79 -9.94 -30.31
C ALA C 61 -11.86 -10.37 -31.32
N ASP C 62 -12.74 -9.43 -31.66
CA ASP C 62 -13.87 -9.76 -32.53
C ASP C 62 -13.43 -10.18 -33.93
N ASP C 63 -12.18 -9.91 -34.30
CA ASP C 63 -11.68 -10.33 -35.60
C ASP C 63 -11.04 -11.72 -35.58
N PHE C 64 -10.95 -12.38 -34.42
CA PHE C 64 -10.06 -13.53 -34.27
C PHE C 64 -10.68 -14.65 -33.46
N LYS C 65 -11.89 -15.10 -33.82
CA LYS C 65 -12.36 -16.36 -33.23
C LYS C 65 -13.45 -17.05 -34.04
N GLY C 66 -13.46 -16.83 -35.35
CA GLY C 66 -14.22 -17.69 -36.22
C GLY C 66 -13.39 -18.91 -36.56
N ARG C 67 -12.14 -18.67 -36.96
CA ARG C 67 -11.21 -19.73 -37.33
C ARG C 67 -10.12 -19.95 -36.29
N PHE C 68 -10.15 -19.21 -35.18
CA PHE C 68 -9.05 -19.17 -34.24
C PHE C 68 -9.43 -19.83 -32.92
N ALA C 69 -8.52 -20.64 -32.39
CA ALA C 69 -8.74 -21.36 -31.14
C ALA C 69 -7.51 -21.20 -30.27
N LEU C 70 -7.69 -20.68 -29.06
CA LEU C 70 -6.63 -20.59 -28.07
C LEU C 70 -6.80 -21.69 -27.04
N SER C 71 -5.70 -22.34 -26.69
CA SER C 71 -5.73 -23.41 -25.71
C SER C 71 -4.46 -23.36 -24.88
N LEU C 72 -4.47 -24.09 -23.77
CA LEU C 72 -3.36 -24.06 -22.84
C LEU C 72 -3.17 -25.43 -22.21
N GLU C 73 -1.92 -25.78 -21.93
CA GLU C 73 -1.55 -26.91 -21.09
C GLU C 73 -0.73 -26.39 -19.92
N THR C 74 -0.94 -26.97 -18.74
CA THR C 74 -0.38 -26.35 -17.53
C THR C 74 0.96 -26.96 -17.10
N SER C 75 1.15 -28.26 -17.26
CA SER C 75 2.41 -28.88 -16.84
C SER C 75 3.58 -28.25 -17.58
N SER C 76 3.40 -27.97 -18.87
CA SER C 76 4.47 -27.44 -19.70
C SER C 76 4.35 -25.94 -19.92
N ARG C 77 3.27 -25.31 -19.46
CA ARG C 77 3.12 -23.85 -19.54
C ARG C 77 3.15 -23.36 -20.98
N THR C 78 2.59 -24.14 -21.90
CA THR C 78 2.57 -23.77 -23.31
C THR C 78 1.16 -23.33 -23.70
N ALA C 79 1.07 -22.15 -24.31
CA ALA C 79 -0.15 -21.74 -24.96
C ALA C 79 -0.14 -22.19 -26.42
N PHE C 80 -1.32 -22.47 -26.95
CA PHE C 80 -1.47 -22.93 -28.32
C PHE C 80 -2.42 -22.02 -29.07
N LEU C 81 -2.02 -21.61 -30.29
CA LEU C 81 -2.87 -20.85 -31.18
C LEU C 81 -3.08 -21.66 -32.44
N GLN C 82 -4.33 -21.97 -32.75
CA GLN C 82 -4.69 -22.76 -33.91
C GLN C 82 -5.53 -21.91 -34.86
N ILE C 83 -5.15 -21.91 -36.14
CA ILE C 83 -5.92 -21.28 -37.19
C ILE C 83 -6.35 -22.35 -38.18
N ASN C 84 -7.64 -22.46 -38.42
CA ASN C 84 -8.20 -23.36 -39.40
C ASN C 84 -8.65 -22.58 -40.63
N ASN C 85 -8.84 -23.30 -41.74
CA ASN C 85 -9.24 -22.72 -43.01
C ASN C 85 -8.36 -21.51 -43.35
N LEU C 86 -7.06 -21.79 -43.46
CA LEU C 86 -6.08 -20.73 -43.58
C LEU C 86 -6.30 -19.92 -44.86
N LYS C 87 -6.26 -18.60 -44.72
CA LYS C 87 -6.37 -17.69 -45.84
C LYS C 87 -5.03 -16.98 -46.06
N ASN C 88 -4.88 -16.39 -47.24
CA ASN C 88 -3.66 -15.63 -47.52
C ASN C 88 -3.44 -14.53 -46.50
N GLU C 89 -4.52 -13.90 -46.05
CA GLU C 89 -4.41 -12.82 -45.07
C GLU C 89 -3.86 -13.32 -43.73
N ASP C 90 -3.90 -14.63 -43.48
CA ASP C 90 -3.30 -15.17 -42.28
C ASP C 90 -1.79 -15.16 -42.30
N THR C 91 -1.20 -14.93 -43.47
CA THR C 91 0.25 -14.84 -43.58
C THR C 91 0.78 -13.71 -42.72
N ALA C 92 1.51 -14.05 -41.67
CA ALA C 92 2.02 -13.07 -40.71
C ALA C 92 3.02 -13.76 -39.81
N ILE C 93 3.74 -12.96 -39.03
CA ILE C 93 4.53 -13.46 -37.92
C ILE C 93 3.74 -13.21 -36.64
N TYR C 94 3.56 -14.25 -35.82
CA TYR C 94 2.76 -14.17 -34.62
C TYR C 94 3.65 -14.21 -33.40
N PHE C 95 3.37 -13.34 -32.44
CA PHE C 95 4.11 -13.25 -31.20
C PHE C 95 3.24 -13.67 -30.02
N CYS C 96 3.91 -14.05 -28.93
CA CYS C 96 3.26 -14.49 -27.71
C CYS C 96 3.93 -13.79 -26.55
N ILE C 97 3.17 -13.01 -25.79
CA ILE C 97 3.72 -12.09 -24.80
C ILE C 97 3.02 -12.28 -23.47
N GLY C 98 3.66 -11.73 -22.43
CA GLY C 98 3.16 -11.76 -21.07
C GLY C 98 3.97 -10.80 -20.23
N ARG C 99 3.49 -10.57 -19.00
CA ARG C 99 4.08 -9.54 -18.16
C ARG C 99 4.34 -10.04 -16.75
N TRP C 100 5.44 -9.55 -16.17
CA TRP C 100 5.78 -9.72 -14.76
C TRP C 100 6.00 -8.34 -14.20
N GLY C 101 5.29 -8.01 -13.12
CA GLY C 101 5.15 -6.60 -12.80
C GLY C 101 4.55 -5.88 -13.99
N TYR C 102 5.17 -4.78 -14.39
CA TYR C 102 4.73 -4.08 -15.59
C TYR C 102 5.67 -4.30 -16.78
N TYR C 103 6.70 -5.12 -16.61
CA TYR C 103 7.60 -5.48 -17.70
C TYR C 103 6.93 -6.52 -18.59
N VAL C 104 7.05 -6.33 -19.91
CA VAL C 104 6.46 -7.24 -20.89
C VAL C 104 7.56 -8.12 -21.49
N TYR C 105 7.29 -9.41 -21.63
CA TYR C 105 8.25 -10.37 -22.13
C TYR C 105 7.72 -10.99 -23.43
N TRP C 106 8.61 -11.15 -24.41
CA TRP C 106 8.20 -11.32 -25.80
C TRP C 106 8.79 -12.53 -26.51
N GLY C 107 8.67 -12.53 -27.83
CA GLY C 107 9.48 -13.34 -28.71
C GLY C 107 9.17 -14.82 -28.62
N GLN C 108 9.84 -15.59 -29.49
CA GLN C 108 10.74 -15.03 -30.49
C GLN C 108 9.97 -14.70 -31.77
N GLY C 109 8.69 -15.05 -31.77
CA GLY C 109 7.86 -14.92 -32.94
C GLY C 109 7.84 -16.19 -33.77
N THR C 110 6.72 -16.43 -34.44
CA THR C 110 6.59 -17.56 -35.36
C THR C 110 5.99 -17.04 -36.66
N THR C 111 6.70 -17.27 -37.77
CA THR C 111 6.21 -16.84 -39.07
C THR C 111 5.31 -17.90 -39.68
N LEU C 112 4.20 -17.47 -40.25
CA LEU C 112 3.27 -18.34 -40.95
C LEU C 112 3.10 -17.80 -42.37
N VAL C 113 3.42 -18.63 -43.36
CA VAL C 113 3.28 -18.27 -44.76
C VAL C 113 2.24 -19.20 -45.36
N VAL C 114 1.11 -18.63 -45.78
CA VAL C 114 0.02 -19.38 -46.38
C VAL C 114 0.08 -19.14 -47.89
N SER C 115 0.41 -20.17 -48.65
CA SER C 115 0.65 -20.03 -50.08
C SER C 115 0.54 -21.40 -50.75
N SER C 116 0.09 -21.39 -52.00
CA SER C 116 -0.04 -22.60 -52.80
C SER C 116 1.29 -23.20 -53.21
N ALA C 117 2.41 -22.57 -52.85
CA ALA C 117 3.72 -23.00 -53.33
C ALA C 117 4.16 -24.30 -52.65
N LYS C 118 5.01 -25.04 -53.35
CA LYS C 118 5.69 -26.21 -52.84
C LYS C 118 7.18 -25.95 -52.80
N THR C 119 7.90 -26.80 -52.06
CA THR C 119 9.33 -26.62 -51.87
C THR C 119 10.07 -26.71 -53.20
N THR C 120 10.84 -25.66 -53.52
CA THR C 120 11.52 -25.55 -54.79
C THR C 120 12.91 -24.99 -54.56
N ALA C 121 13.93 -25.67 -55.08
CA ALA C 121 15.28 -25.18 -54.99
C ALA C 121 15.42 -23.88 -55.80
N PRO C 122 16.37 -23.02 -55.45
CA PRO C 122 16.60 -21.81 -56.24
C PRO C 122 17.48 -22.12 -57.44
N SER C 123 17.49 -21.16 -58.37
CA SER C 123 18.44 -21.15 -59.48
C SER C 123 19.30 -19.91 -59.30
N VAL C 124 20.57 -20.12 -59.02
CA VAL C 124 21.48 -19.05 -58.63
C VAL C 124 22.31 -18.65 -59.84
N TYR C 125 22.37 -17.35 -60.11
CA TYR C 125 22.93 -16.81 -61.33
C TYR C 125 23.97 -15.75 -61.01
N PRO C 126 25.19 -15.89 -61.52
CA PRO C 126 26.22 -14.88 -61.25
C PRO C 126 26.06 -13.67 -62.16
N LEU C 127 26.31 -12.50 -61.60
CA LEU C 127 26.12 -11.23 -62.31
C LEU C 127 27.50 -10.62 -62.56
N ALA C 128 27.99 -10.73 -63.80
CA ALA C 128 29.28 -10.28 -64.27
C ALA C 128 29.22 -8.83 -64.72
N PRO C 129 30.36 -8.11 -64.72
CA PRO C 129 30.31 -6.69 -65.08
C PRO C 129 30.44 -6.46 -66.58
N THR C 135 35.53 1.03 -65.74
CA THR C 135 35.35 2.43 -65.33
C THR C 135 35.33 2.52 -63.81
N GLY C 136 36.09 3.48 -63.28
CA GLY C 136 36.26 3.60 -61.85
C GLY C 136 37.14 2.50 -61.29
N SER C 137 38.04 2.83 -60.37
CA SER C 137 38.95 1.83 -59.82
C SER C 137 38.27 0.90 -58.82
N SER C 138 36.94 0.78 -58.89
CA SER C 138 36.21 -0.17 -58.07
C SER C 138 35.00 -0.65 -58.88
N VAL C 139 34.83 -1.96 -58.95
CA VAL C 139 33.77 -2.58 -59.75
C VAL C 139 32.82 -3.31 -58.83
N THR C 140 31.54 -3.34 -59.22
CA THR C 140 30.49 -3.97 -58.44
C THR C 140 30.05 -5.26 -59.15
N LEU C 141 29.72 -6.28 -58.34
CA LEU C 141 29.31 -7.58 -58.83
C LEU C 141 28.08 -8.04 -58.06
N GLY C 142 27.50 -9.17 -58.47
CA GLY C 142 26.23 -9.55 -57.88
C GLY C 142 25.92 -11.03 -57.93
N CYS C 143 24.77 -11.38 -57.34
CA CYS C 143 24.27 -12.74 -57.26
C CYS C 143 22.75 -12.69 -57.41
N LEU C 144 22.19 -13.56 -58.25
CA LEU C 144 20.75 -13.57 -58.49
C LEU C 144 20.17 -14.92 -58.08
N VAL C 145 19.50 -14.95 -56.94
CA VAL C 145 18.83 -16.13 -56.42
C VAL C 145 17.34 -16.00 -56.72
N LYS C 146 16.81 -16.91 -57.54
CA LYS C 146 15.47 -16.71 -58.09
C LYS C 146 14.68 -18.00 -58.13
N GLY C 147 13.39 -17.89 -57.81
CA GLY C 147 12.44 -18.97 -58.05
C GLY C 147 12.46 -20.09 -57.03
N TYR C 148 12.57 -19.77 -55.75
CA TYR C 148 12.68 -20.78 -54.72
C TYR C 148 11.56 -20.64 -53.70
N PHE C 149 11.42 -21.69 -52.89
CA PHE C 149 10.46 -21.72 -51.79
C PHE C 149 10.78 -22.90 -50.89
N PRO C 150 10.70 -22.73 -49.55
CA PRO C 150 10.37 -21.47 -48.90
C PRO C 150 11.61 -20.68 -48.49
N GLU C 151 11.38 -19.56 -47.80
CA GLU C 151 12.46 -18.91 -47.09
C GLU C 151 12.90 -19.79 -45.92
N PRO C 152 14.17 -19.67 -45.48
CA PRO C 152 15.19 -18.72 -45.90
C PRO C 152 16.20 -19.24 -46.91
N VAL C 153 16.98 -18.33 -47.47
CA VAL C 153 18.17 -18.66 -48.24
C VAL C 153 19.35 -17.95 -47.60
N THR C 154 20.43 -18.70 -47.37
CA THR C 154 21.67 -18.15 -46.86
C THR C 154 22.54 -17.75 -48.04
N LEU C 155 22.98 -16.50 -48.06
CA LEU C 155 23.90 -16.01 -49.09
C LEU C 155 25.10 -15.37 -48.42
N THR C 156 26.30 -15.75 -48.84
CA THR C 156 27.53 -15.17 -48.32
C THR C 156 28.47 -14.88 -49.48
N TRP C 157 29.61 -14.29 -49.15
CA TRP C 157 30.68 -14.01 -50.10
C TRP C 157 31.99 -14.51 -49.50
N ASN C 158 32.51 -15.63 -50.05
CA ASN C 158 33.75 -16.22 -49.57
C ASN C 158 33.62 -16.69 -48.12
N SER C 159 32.60 -17.50 -47.86
CA SER C 159 32.36 -18.07 -46.53
C SER C 159 32.25 -16.96 -45.49
N GLY C 160 31.64 -15.85 -45.88
CA GLY C 160 31.51 -14.72 -45.00
C GLY C 160 32.80 -13.97 -44.71
N SER C 161 33.90 -14.35 -45.34
CA SER C 161 35.18 -13.68 -45.10
C SER C 161 35.27 -12.32 -45.79
N LEU C 162 34.38 -12.04 -46.74
CA LEU C 162 34.30 -10.74 -47.39
C LEU C 162 32.92 -10.16 -47.09
N SER C 163 32.86 -9.17 -46.20
CA SER C 163 31.60 -8.62 -45.73
C SER C 163 31.54 -7.10 -45.81
N SER C 164 32.53 -6.45 -46.41
CA SER C 164 32.49 -5.02 -46.65
C SER C 164 32.15 -4.76 -48.11
N GLY C 165 31.26 -3.80 -48.35
CA GLY C 165 30.72 -3.56 -49.66
C GLY C 165 29.52 -4.39 -50.03
N VAL C 166 28.90 -5.07 -49.06
CA VAL C 166 27.80 -5.98 -49.32
C VAL C 166 26.47 -5.24 -49.22
N HIS C 167 25.52 -5.64 -50.07
CA HIS C 167 24.11 -5.30 -49.93
C HIS C 167 23.33 -6.52 -50.40
N THR C 168 22.91 -7.37 -49.47
CA THR C 168 21.94 -8.42 -49.78
C THR C 168 20.54 -7.85 -49.60
N PHE C 169 19.65 -8.20 -50.52
CA PHE C 169 18.34 -7.57 -50.48
C PHE C 169 17.28 -8.55 -50.01
N PRO C 170 16.26 -8.08 -49.28
CA PRO C 170 15.22 -8.99 -48.78
C PRO C 170 14.50 -9.69 -49.93
N ALA C 171 14.13 -10.94 -49.68
CA ALA C 171 13.43 -11.73 -50.68
C ALA C 171 11.98 -11.26 -50.82
N VAL C 172 11.46 -11.33 -52.04
CA VAL C 172 10.07 -10.99 -52.31
C VAL C 172 9.42 -12.12 -53.07
N LEU C 173 8.11 -12.29 -52.87
CA LEU C 173 7.34 -13.40 -53.39
C LEU C 173 6.38 -12.94 -54.48
N GLN C 174 6.31 -13.72 -55.56
CA GLN C 174 5.24 -13.61 -56.56
C GLN C 174 5.31 -14.82 -57.47
N SER C 175 4.15 -15.22 -57.98
CA SER C 175 3.98 -16.52 -58.62
C SER C 175 4.40 -17.64 -57.67
N ASP C 176 4.30 -17.37 -56.37
CA ASP C 176 4.53 -18.35 -55.30
C ASP C 176 5.99 -18.77 -55.19
N LEU C 177 6.93 -17.95 -55.65
CA LEU C 177 8.34 -18.27 -55.51
C LEU C 177 9.13 -17.00 -55.18
N TYR C 178 10.07 -17.12 -54.24
CA TYR C 178 10.85 -15.98 -53.81
C TYR C 178 11.95 -15.64 -54.83
N THR C 179 12.36 -14.38 -54.83
CA THR C 179 13.50 -13.91 -55.60
C THR C 179 14.35 -13.00 -54.72
N LEU C 180 15.67 -13.26 -54.71
CA LEU C 180 16.60 -12.51 -53.87
C LEU C 180 17.84 -12.16 -54.67
N SER C 181 18.44 -11.02 -54.34
CA SER C 181 19.67 -10.58 -54.98
C SER C 181 20.62 -10.05 -53.92
N SER C 182 21.89 -9.94 -54.30
CA SER C 182 22.94 -9.41 -53.44
C SER C 182 24.06 -8.85 -54.31
N SER C 183 24.65 -7.74 -53.86
CA SER C 183 25.66 -7.04 -54.63
C SER C 183 26.90 -6.81 -53.78
N VAL C 184 28.06 -7.04 -54.39
CA VAL C 184 29.35 -6.79 -53.76
C VAL C 184 30.09 -5.74 -54.57
N THR C 185 30.86 -4.91 -53.87
CA THR C 185 31.67 -3.86 -54.48
C THR C 185 33.08 -3.94 -53.91
N VAL C 186 34.07 -3.80 -54.79
CA VAL C 186 35.47 -4.04 -54.42
C VAL C 186 36.35 -3.24 -55.36
N THR C 187 37.52 -2.83 -54.86
CA THR C 187 38.46 -2.08 -55.68
C THR C 187 39.03 -2.96 -56.79
N SER C 188 39.32 -2.33 -57.93
CA SER C 188 39.75 -3.06 -59.12
C SER C 188 41.09 -3.79 -58.93
N SER C 189 41.81 -3.52 -57.84
CA SER C 189 43.03 -4.25 -57.57
C SER C 189 42.74 -5.69 -57.16
N THR C 190 41.59 -5.94 -56.53
CA THR C 190 41.29 -7.27 -56.01
C THR C 190 40.74 -8.19 -57.11
N TRP C 191 39.79 -7.69 -57.90
CA TRP C 191 39.12 -8.51 -58.90
C TRP C 191 39.44 -8.03 -60.30
N PRO C 192 39.58 -8.94 -61.28
CA PRO C 192 39.46 -10.40 -61.15
C PRO C 192 40.77 -11.10 -60.84
N SER C 193 41.50 -10.61 -59.84
CA SER C 193 42.80 -11.17 -59.48
C SER C 193 42.75 -12.09 -58.27
N GLN C 194 41.77 -11.92 -57.39
CA GLN C 194 41.64 -12.76 -56.21
C GLN C 194 40.31 -13.51 -56.26
N SER C 195 40.29 -14.68 -55.63
CA SER C 195 39.13 -15.56 -55.70
C SER C 195 37.97 -14.97 -54.89
N ILE C 196 36.87 -14.67 -55.58
CA ILE C 196 35.59 -14.38 -54.94
C ILE C 196 34.72 -15.61 -55.11
N THR C 197 33.48 -15.58 -54.60
CA THR C 197 32.49 -16.62 -54.87
C THR C 197 31.15 -16.31 -54.19
N CYS C 198 30.08 -16.87 -54.74
CA CYS C 198 28.74 -16.79 -54.18
C CYS C 198 28.42 -18.10 -53.47
N ASN C 199 28.10 -18.02 -52.18
CA ASN C 199 27.64 -19.19 -51.45
C ASN C 199 26.17 -19.01 -51.13
N VAL C 200 25.33 -19.87 -51.70
CA VAL C 200 23.91 -19.90 -51.41
C VAL C 200 23.57 -21.24 -50.77
N ALA C 201 22.67 -21.21 -49.80
CA ALA C 201 22.26 -22.41 -49.08
C ALA C 201 20.76 -22.34 -48.85
N HIS C 202 20.03 -23.29 -49.42
CA HIS C 202 18.59 -23.43 -49.23
C HIS C 202 18.35 -24.79 -48.60
N PRO C 203 18.42 -24.90 -47.27
CA PRO C 203 18.32 -26.22 -46.63
C PRO C 203 17.02 -26.95 -46.90
N ALA C 204 15.91 -26.23 -47.15
CA ALA C 204 14.63 -26.88 -47.38
C ALA C 204 14.72 -27.85 -48.56
N SER C 205 15.31 -27.42 -49.67
CA SER C 205 15.57 -28.29 -50.80
C SER C 205 16.92 -28.98 -50.73
N SER C 206 17.60 -28.90 -49.58
CA SER C 206 18.91 -29.49 -49.37
C SER C 206 19.89 -29.06 -50.47
N THR C 207 19.92 -27.76 -50.72
CA THR C 207 20.73 -27.18 -51.80
C THR C 207 21.85 -26.36 -51.19
N LYS C 208 23.08 -26.70 -51.54
CA LYS C 208 24.26 -25.89 -51.23
C LYS C 208 24.99 -25.66 -52.53
N VAL C 209 25.06 -24.39 -52.95
CA VAL C 209 25.65 -24.03 -54.23
C VAL C 209 26.66 -22.90 -54.00
N ASP C 210 27.92 -23.16 -54.31
CA ASP C 210 28.97 -22.15 -54.29
C ASP C 210 29.36 -21.84 -55.72
N LYS C 211 29.17 -20.57 -56.13
CA LYS C 211 29.30 -20.16 -57.51
C LYS C 211 30.21 -18.94 -57.63
N LYS C 212 31.10 -18.96 -58.60
CA LYS C 212 32.18 -17.99 -58.74
C LYS C 212 31.89 -17.06 -59.92
N ILE C 213 31.84 -15.76 -59.65
CA ILE C 213 31.63 -14.76 -60.69
C ILE C 213 32.96 -14.40 -61.33
N GLU C 214 33.05 -14.61 -62.64
CA GLU C 214 34.22 -14.26 -63.45
C GLU C 214 33.78 -13.46 -64.65
N PRO C 215 34.72 -12.76 -65.32
CA PRO C 215 34.36 -11.92 -66.48
C PRO C 215 33.62 -12.67 -67.58
N ASP D 1 -13.20 -0.47 -26.92
CA ASP D 1 -12.30 -0.28 -25.80
C ASP D 1 -11.43 0.97 -25.98
N ILE D 2 -10.26 0.96 -25.32
CA ILE D 2 -9.34 2.09 -25.37
C ILE D 2 -8.54 2.02 -26.67
N GLN D 3 -8.43 3.17 -27.35
CA GLN D 3 -7.72 3.24 -28.62
C GLN D 3 -6.48 4.13 -28.50
N MET D 4 -5.39 3.68 -29.09
CA MET D 4 -4.09 4.34 -28.99
C MET D 4 -3.75 5.02 -30.32
N THR D 5 -3.19 6.21 -30.23
CA THR D 5 -2.88 7.03 -31.40
C THR D 5 -1.48 7.61 -31.21
N GLN D 6 -0.67 7.53 -32.27
CA GLN D 6 0.70 8.02 -32.22
C GLN D 6 0.87 9.17 -33.20
N SER D 7 1.91 9.98 -32.96
CA SER D 7 2.22 11.11 -33.82
C SER D 7 3.66 11.53 -33.54
N PRO D 8 4.41 12.00 -34.56
CA PRO D 8 3.95 12.04 -35.95
C PRO D 8 4.03 10.68 -36.63
N ALA D 9 3.47 10.55 -37.83
CA ALA D 9 3.49 9.27 -38.52
C ALA D 9 4.89 8.89 -38.96
N SER D 10 5.61 9.84 -39.55
CA SER D 10 6.99 9.61 -39.96
C SER D 10 7.82 10.83 -39.56
N LEU D 11 9.13 10.63 -39.51
CA LEU D 11 10.01 11.62 -38.91
C LEU D 11 11.44 11.36 -39.37
N SER D 12 12.09 12.38 -39.90
CA SER D 12 13.49 12.32 -40.29
C SER D 12 14.28 13.33 -39.47
N VAL D 13 14.99 12.85 -38.45
CA VAL D 13 15.88 13.69 -37.66
C VAL D 13 17.30 13.16 -37.79
N SER D 14 18.24 14.09 -38.00
CA SER D 14 19.64 13.77 -38.17
C SER D 14 20.27 13.39 -36.82
N VAL D 15 21.48 12.82 -36.91
CA VAL D 15 22.18 12.32 -35.73
C VAL D 15 22.66 13.49 -34.89
N GLY D 16 22.48 13.38 -33.58
CA GLY D 16 22.89 14.43 -32.67
C GLY D 16 21.72 15.23 -32.13
N GLU D 17 20.69 15.40 -32.94
CA GLU D 17 19.49 16.11 -32.52
C GLU D 17 18.68 15.25 -31.55
N SER D 18 17.82 15.91 -30.77
CA SER D 18 16.92 15.23 -29.86
C SER D 18 15.53 15.12 -30.50
N VAL D 19 14.79 14.08 -30.10
CA VAL D 19 13.50 13.78 -30.69
C VAL D 19 12.48 13.47 -29.60
N THR D 20 11.21 13.66 -29.95
CA THR D 20 10.09 13.34 -29.07
C THR D 20 8.98 12.73 -29.90
N ILE D 21 8.51 11.55 -29.47
CA ILE D 21 7.36 10.87 -30.07
C ILE D 21 6.20 11.01 -29.09
N ILE D 22 4.98 11.03 -29.60
CA ILE D 22 3.78 11.20 -28.78
C ILE D 22 2.90 9.97 -28.93
N CYS D 23 2.40 9.47 -27.80
CA CYS D 23 1.32 8.50 -27.75
C CYS D 23 0.20 9.10 -26.92
N ARG D 24 -1.04 9.02 -27.44
CA ARG D 24 -2.22 9.51 -26.73
C ARG D 24 -3.29 8.44 -26.74
N ALA D 25 -3.76 8.07 -25.54
CA ALA D 25 -4.87 7.15 -25.41
C ALA D 25 -6.19 7.91 -25.35
N SER D 26 -7.28 7.20 -25.60
CA SER D 26 -8.62 7.79 -25.58
C SER D 26 -9.22 7.87 -24.19
N GLU D 27 -8.54 7.31 -23.18
CA GLU D 27 -8.94 7.43 -21.79
C GLU D 27 -7.68 7.57 -20.95
N ASN D 28 -7.86 7.76 -19.64
CA ASN D 28 -6.73 7.66 -18.73
C ASN D 28 -6.33 6.20 -18.61
N ILE D 29 -5.02 5.94 -18.72
CA ILE D 29 -4.50 4.59 -18.59
C ILE D 29 -3.51 4.46 -17.44
N ASN D 30 -3.43 5.49 -16.59
CA ASN D 30 -2.62 5.51 -15.37
C ASN D 30 -1.22 4.96 -15.59
N SER D 31 -0.57 5.46 -16.64
CA SER D 31 0.84 5.19 -16.93
C SER D 31 1.10 3.70 -17.20
N ASN D 32 0.10 2.98 -17.71
CA ASN D 32 0.26 1.56 -18.04
C ASN D 32 0.57 1.43 -19.53
N LEU D 33 1.73 1.94 -19.91
CA LEU D 33 2.13 2.00 -21.31
C LEU D 33 3.59 1.62 -21.48
N ALA D 34 3.87 0.88 -22.55
CA ALA D 34 5.22 0.48 -22.93
C ALA D 34 5.60 1.07 -24.28
N TRP D 35 6.89 1.28 -24.49
CA TRP D 35 7.42 1.71 -25.78
C TRP D 35 8.29 0.62 -26.38
N TYR D 36 8.21 0.47 -27.70
CA TYR D 36 9.02 -0.50 -28.42
C TYR D 36 9.75 0.17 -29.57
N GLN D 37 10.92 -0.37 -29.92
CA GLN D 37 11.60 -0.08 -31.17
C GLN D 37 11.62 -1.36 -32.00
N GLN D 38 11.35 -1.24 -33.29
CA GLN D 38 11.38 -2.40 -34.17
C GLN D 38 12.11 -2.04 -35.46
N LYS D 39 13.19 -2.76 -35.74
CA LYS D 39 13.88 -2.67 -37.01
C LYS D 39 13.24 -3.63 -38.01
N GLN D 40 13.46 -3.33 -39.29
CA GLN D 40 12.91 -4.17 -40.35
C GLN D 40 13.39 -5.61 -40.20
N GLY D 41 12.44 -6.54 -40.15
CA GLY D 41 12.75 -7.96 -40.13
C GLY D 41 13.11 -8.53 -38.77
N LYS D 42 13.08 -7.74 -37.71
CA LYS D 42 13.43 -8.16 -36.37
C LYS D 42 12.24 -7.99 -35.43
N PRO D 43 12.23 -8.68 -34.29
CA PRO D 43 11.11 -8.54 -33.34
C PRO D 43 11.15 -7.20 -32.65
N PRO D 44 10.02 -6.75 -32.09
CA PRO D 44 10.02 -5.50 -31.33
C PRO D 44 10.81 -5.64 -30.04
N GLN D 45 11.52 -4.57 -29.68
CA GLN D 45 12.35 -4.55 -28.48
C GLN D 45 11.77 -3.54 -27.49
N LEU D 46 11.52 -3.98 -26.27
CA LEU D 46 10.96 -3.13 -25.24
C LEU D 46 11.96 -2.05 -24.81
N LEU D 47 11.55 -0.79 -24.92
CA LEU D 47 12.36 0.33 -24.48
C LEU D 47 11.96 0.84 -23.10
N VAL D 48 10.68 1.11 -22.90
CA VAL D 48 10.15 1.73 -21.68
C VAL D 48 8.94 0.93 -21.24
N TYR D 49 8.74 0.84 -19.93
CA TYR D 49 7.59 0.15 -19.38
C TYR D 49 7.08 0.88 -18.14
N ALA D 50 5.76 0.88 -17.97
CA ALA D 50 5.09 1.72 -16.98
C ALA D 50 5.49 3.19 -17.18
N ALA D 51 5.51 3.62 -18.45
CA ALA D 51 5.65 5.01 -18.85
C ALA D 51 7.04 5.59 -18.68
N THR D 52 7.72 5.26 -17.58
CA THR D 52 8.96 5.96 -17.25
C THR D 52 10.10 5.05 -16.77
N ASN D 53 10.09 3.76 -17.09
CA ASN D 53 11.12 2.84 -16.65
C ASN D 53 11.83 2.22 -17.85
N LEU D 54 13.16 2.32 -17.85
CA LEU D 54 13.95 1.78 -18.94
C LEU D 54 14.04 0.25 -18.84
N ALA D 55 13.91 -0.42 -19.98
CA ALA D 55 14.00 -1.87 -20.01
C ALA D 55 15.47 -2.32 -20.07
N GLY D 56 15.68 -3.63 -20.06
CA GLY D 56 17.01 -4.19 -20.10
C GLY D 56 17.78 -3.81 -21.35
N GLY D 57 19.03 -3.38 -21.16
CA GLY D 57 19.88 -3.03 -22.29
C GLY D 57 19.51 -1.76 -23.02
N VAL D 58 18.70 -0.89 -22.44
CA VAL D 58 18.30 0.34 -23.09
C VAL D 58 19.21 1.47 -22.62
N PRO D 59 19.78 2.26 -23.53
CA PRO D 59 20.70 3.33 -23.12
C PRO D 59 19.98 4.42 -22.35
N SER D 60 20.77 5.18 -21.58
CA SER D 60 20.23 6.26 -20.77
C SER D 60 19.73 7.44 -21.60
N ARG D 61 20.00 7.45 -22.91
CA ARG D 61 19.53 8.55 -23.75
C ARG D 61 18.07 8.44 -24.11
N PHE D 62 17.45 7.28 -23.92
CA PHE D 62 16.00 7.13 -24.04
C PHE D 62 15.34 7.47 -22.71
N SER D 63 14.21 8.16 -22.79
CA SER D 63 13.44 8.46 -21.59
C SER D 63 11.95 8.45 -21.92
N GLY D 64 11.16 8.11 -20.93
CA GLY D 64 9.70 8.12 -21.05
C GLY D 64 9.11 9.07 -20.03
N SER D 65 8.07 9.78 -20.45
CA SER D 65 7.36 10.69 -19.56
C SER D 65 5.92 10.77 -20.02
N GLY D 66 5.06 11.26 -19.11
CA GLY D 66 3.67 11.45 -19.41
C GLY D 66 2.78 10.93 -18.29
N SER D 67 1.49 11.23 -18.45
CA SER D 67 0.50 10.92 -17.44
C SER D 67 -0.89 11.02 -18.08
N GLY D 68 -1.84 10.31 -17.50
CA GLY D 68 -3.22 10.39 -17.94
C GLY D 68 -3.45 9.86 -19.34
N THR D 69 -3.65 10.77 -20.30
CA THR D 69 -3.96 10.39 -21.67
C THR D 69 -2.79 10.49 -22.63
N GLN D 70 -1.78 11.32 -22.34
CA GLN D 70 -0.70 11.53 -23.28
C GLN D 70 0.64 11.15 -22.67
N TYR D 71 1.48 10.52 -23.48
CA TYR D 71 2.79 10.03 -23.07
C TYR D 71 3.78 10.33 -24.20
N SER D 72 5.07 10.30 -23.86
CA SER D 72 6.08 10.65 -24.84
C SER D 72 7.35 9.86 -24.61
N LEU D 73 7.91 9.34 -25.69
CA LEU D 73 9.25 8.76 -25.70
C LEU D 73 10.22 9.80 -26.25
N LYS D 74 11.33 10.01 -25.56
CA LYS D 74 12.30 11.01 -25.97
C LYS D 74 13.68 10.37 -26.06
N ILE D 75 14.37 10.62 -27.17
CA ILE D 75 15.75 10.24 -27.36
C ILE D 75 16.58 11.51 -27.32
N ASN D 76 17.43 11.66 -26.32
CA ASN D 76 18.29 12.84 -26.25
C ASN D 76 19.53 12.58 -27.09
N SER D 77 19.88 13.55 -27.93
CA SER D 77 20.73 13.31 -29.10
C SER D 77 20.13 12.16 -29.91
N LEU D 78 20.88 11.65 -30.89
CA LEU D 78 20.42 10.53 -31.67
C LEU D 78 21.65 9.87 -32.29
N GLN D 79 21.63 8.55 -32.35
CA GLN D 79 22.73 7.76 -32.84
C GLN D 79 22.29 7.00 -34.08
N SER D 80 23.27 6.61 -34.90
CA SER D 80 22.99 5.98 -36.19
C SER D 80 22.16 4.70 -36.05
N GLU D 81 22.05 4.15 -34.84
CA GLU D 81 21.38 2.87 -34.63
C GLU D 81 19.92 3.02 -34.21
N ASP D 82 19.44 4.24 -33.98
CA ASP D 82 18.12 4.44 -33.40
C ASP D 82 17.03 4.65 -34.43
N PHE D 83 17.29 4.33 -35.70
CA PHE D 83 16.21 4.33 -36.68
C PHE D 83 15.26 3.17 -36.40
N GLY D 84 14.10 3.21 -37.05
CA GLY D 84 13.09 2.18 -36.88
C GLY D 84 11.72 2.77 -36.63
N THR D 85 10.74 1.88 -36.54
CA THR D 85 9.36 2.25 -36.24
C THR D 85 9.08 1.97 -34.77
N TYR D 86 8.66 3.01 -34.04
CA TYR D 86 8.41 2.88 -32.61
C TYR D 86 6.92 2.73 -32.34
N TYR D 87 6.58 1.86 -31.39
CA TYR D 87 5.20 1.61 -31.00
C TYR D 87 5.02 1.88 -29.52
N CYS D 88 3.82 2.33 -29.16
CA CYS D 88 3.39 2.33 -27.77
C CYS D 88 2.32 1.24 -27.60
N GLN D 89 2.18 0.78 -26.35
CA GLN D 89 1.20 -0.26 -26.06
C GLN D 89 0.61 -0.05 -24.68
N HIS D 90 -0.72 -0.07 -24.60
CA HIS D 90 -1.41 -0.05 -23.32
C HIS D 90 -1.31 -1.42 -22.68
N VAL D 91 -0.65 -1.51 -21.52
CA VAL D 91 -0.47 -2.80 -20.86
C VAL D 91 -1.27 -2.82 -19.57
N TRP D 92 -2.54 -3.22 -19.67
CA TRP D 92 -3.37 -3.47 -18.50
C TRP D 92 -4.62 -4.22 -18.92
N GLY D 93 -4.96 -5.26 -18.18
CA GLY D 93 -6.17 -6.02 -18.45
C GLY D 93 -6.15 -6.56 -19.86
N SER D 94 -7.18 -6.21 -20.63
CA SER D 94 -7.26 -6.58 -22.03
C SER D 94 -8.25 -5.63 -22.70
N PRO D 95 -8.02 -5.23 -23.95
CA PRO D 95 -6.88 -5.65 -24.77
C PRO D 95 -5.63 -4.78 -24.57
N TRP D 96 -4.45 -5.33 -24.89
CA TRP D 96 -3.20 -4.58 -24.87
C TRP D 96 -2.93 -4.02 -26.26
N THR D 97 -3.75 -3.07 -26.68
CA THR D 97 -3.70 -2.61 -28.05
C THR D 97 -2.47 -1.74 -28.30
N PHE D 98 -1.89 -1.88 -29.49
CA PHE D 98 -0.72 -1.13 -29.89
C PHE D 98 -1.10 0.17 -30.59
N GLY D 99 -0.19 1.14 -30.55
CA GLY D 99 -0.33 2.33 -31.35
C GLY D 99 -0.03 2.05 -32.82
N GLY D 100 -0.32 3.04 -33.66
CA GLY D 100 -0.08 2.87 -35.08
C GLY D 100 1.38 2.86 -35.47
N GLY D 101 2.25 3.32 -34.60
CA GLY D 101 3.66 3.31 -34.92
C GLY D 101 4.13 4.65 -35.47
N THR D 102 5.38 4.99 -35.15
CA THR D 102 6.04 6.17 -35.70
C THR D 102 7.33 5.73 -36.38
N LYS D 103 7.40 5.91 -37.70
CA LYS D 103 8.60 5.59 -38.46
C LYS D 103 9.58 6.74 -38.30
N LEU D 104 10.73 6.49 -37.65
CA LEU D 104 11.75 7.51 -37.50
C LEU D 104 12.98 7.09 -38.29
N GLU D 105 13.50 8.00 -39.11
CA GLU D 105 14.74 7.82 -39.84
C GLU D 105 15.76 8.89 -39.45
N ILE D 106 17.04 8.55 -39.60
CA ILE D 106 18.12 9.52 -39.49
C ILE D 106 18.23 10.32 -40.78
N LYS D 107 18.11 11.64 -40.67
CA LYS D 107 18.40 12.52 -41.80
C LYS D 107 19.91 12.65 -41.99
N ARG D 108 20.31 12.79 -43.24
CA ARG D 108 21.70 12.66 -43.65
C ARG D 108 21.93 13.54 -44.88
N ALA D 109 23.20 13.76 -45.21
CA ALA D 109 23.52 14.48 -46.43
C ALA D 109 23.11 13.65 -47.64
N ASP D 110 22.55 14.33 -48.65
CA ASP D 110 22.01 13.63 -49.81
C ASP D 110 23.13 12.99 -50.61
N ALA D 111 22.89 11.75 -51.05
CA ALA D 111 23.89 10.95 -51.74
C ALA D 111 23.32 10.43 -53.05
N ALA D 112 24.14 10.46 -54.09
CA ALA D 112 23.73 9.93 -55.38
C ALA D 112 23.89 8.41 -55.39
N PRO D 113 22.93 7.68 -55.97
CA PRO D 113 23.05 6.21 -56.02
C PRO D 113 24.11 5.79 -57.03
N THR D 114 25.04 4.96 -56.57
CA THR D 114 26.00 4.31 -57.45
C THR D 114 25.30 3.17 -58.16
N VAL D 115 24.98 3.37 -59.43
CA VAL D 115 24.11 2.45 -60.17
C VAL D 115 24.97 1.48 -60.98
N SER D 116 24.57 0.21 -60.99
CA SER D 116 25.25 -0.83 -61.74
C SER D 116 24.21 -1.69 -62.46
N ILE D 117 24.50 -2.05 -63.71
CA ILE D 117 23.61 -2.88 -64.50
C ILE D 117 24.37 -4.13 -64.94
N PHE D 118 23.68 -5.27 -64.95
CA PHE D 118 24.31 -6.56 -65.19
C PHE D 118 23.52 -7.34 -66.24
N PRO D 119 24.18 -7.91 -67.25
CA PRO D 119 23.46 -8.67 -68.27
C PRO D 119 22.92 -9.97 -67.69
N PRO D 120 21.98 -10.62 -68.39
CA PRO D 120 21.56 -11.96 -67.98
C PRO D 120 22.72 -12.95 -68.02
N SER D 121 22.81 -13.78 -66.98
CA SER D 121 23.93 -14.67 -66.80
C SER D 121 23.90 -15.81 -67.82
N SER D 122 25.07 -16.41 -68.03
CA SER D 122 25.20 -17.50 -68.99
C SER D 122 24.40 -18.73 -68.56
N GLU D 123 24.49 -19.08 -67.27
CA GLU D 123 23.72 -20.20 -66.76
C GLU D 123 22.22 -19.96 -66.91
N GLN D 124 21.79 -18.70 -66.83
CA GLN D 124 20.37 -18.40 -66.77
C GLN D 124 19.66 -18.73 -68.08
N LEU D 125 20.23 -18.28 -69.20
CA LEU D 125 19.61 -18.45 -70.51
C LEU D 125 19.96 -19.78 -71.18
N THR D 126 20.69 -20.66 -70.49
CA THR D 126 20.63 -22.08 -70.82
C THR D 126 19.38 -22.71 -70.23
N SER D 127 18.87 -22.16 -69.13
CA SER D 127 17.63 -22.61 -68.54
C SER D 127 16.39 -22.12 -69.30
N GLY D 128 16.54 -21.08 -70.13
CA GLY D 128 15.47 -20.61 -70.98
C GLY D 128 14.99 -19.21 -70.69
N GLY D 129 15.42 -18.58 -69.60
CA GLY D 129 14.99 -17.25 -69.24
C GLY D 129 16.13 -16.24 -69.28
N ALA D 130 15.78 -14.98 -69.02
CA ALA D 130 16.75 -13.89 -69.01
C ALA D 130 16.33 -12.85 -67.98
N SER D 131 17.30 -12.33 -67.23
CA SER D 131 17.00 -11.31 -66.23
C SER D 131 18.18 -10.35 -66.12
N VAL D 132 17.91 -9.06 -66.30
CA VAL D 132 18.91 -8.00 -66.15
C VAL D 132 18.65 -7.28 -64.84
N VAL D 133 19.70 -7.12 -64.04
CA VAL D 133 19.61 -6.55 -62.70
C VAL D 133 20.26 -5.16 -62.71
N CYS D 134 19.62 -4.22 -62.01
CA CYS D 134 20.11 -2.85 -61.85
C CYS D 134 20.22 -2.58 -60.35
N PHE D 135 21.44 -2.38 -59.87
CA PHE D 135 21.69 -2.14 -58.46
C PHE D 135 21.85 -0.64 -58.22
N LEU D 136 21.16 -0.14 -57.19
CA LEU D 136 21.16 1.28 -56.84
C LEU D 136 21.54 1.39 -55.38
N ASN D 137 22.81 1.68 -55.11
CA ASN D 137 23.37 1.51 -53.78
C ASN D 137 23.78 2.85 -53.17
N ASN D 138 23.60 2.95 -51.84
CA ASN D 138 24.13 4.04 -51.03
C ASN D 138 23.62 5.41 -51.50
N PHE D 139 22.30 5.63 -51.34
CA PHE D 139 21.68 6.89 -51.72
C PHE D 139 20.78 7.39 -50.59
N TYR D 140 20.34 8.65 -50.73
CA TYR D 140 19.50 9.40 -49.79
C TYR D 140 19.01 10.66 -50.49
N PRO D 141 17.70 10.97 -50.47
CA PRO D 141 16.57 10.26 -49.85
C PRO D 141 16.16 8.91 -50.42
N LYS D 142 15.25 8.23 -49.70
CA LYS D 142 14.83 6.88 -50.05
C LYS D 142 14.11 6.86 -51.38
N ASP D 143 13.20 7.80 -51.59
CA ASP D 143 12.26 7.69 -52.70
C ASP D 143 12.99 7.88 -54.01
N ILE D 144 13.23 6.77 -54.68
CA ILE D 144 13.83 6.68 -56.00
C ILE D 144 12.84 5.89 -56.86
N ASN D 145 12.80 6.19 -58.15
CA ASN D 145 11.85 5.51 -59.02
C ASN D 145 12.52 5.08 -60.30
N VAL D 146 12.58 3.77 -60.52
CA VAL D 146 13.34 3.15 -61.61
C VAL D 146 12.38 2.64 -62.68
N LYS D 147 12.77 2.83 -63.95
CA LYS D 147 12.23 2.12 -65.10
C LYS D 147 13.39 1.77 -66.04
N TRP D 148 13.05 1.13 -67.17
CA TRP D 148 14.05 0.56 -68.06
C TRP D 148 13.71 0.82 -69.51
N LYS D 149 14.66 1.35 -70.28
CA LYS D 149 14.47 1.61 -71.70
C LYS D 149 15.18 0.54 -72.52
N ILE D 150 14.50 0.06 -73.56
CA ILE D 150 14.96 -1.07 -74.40
C ILE D 150 15.00 -0.60 -75.86
N ASP D 151 16.19 -0.69 -76.47
CA ASP D 151 16.39 -0.35 -77.88
C ASP D 151 15.61 0.88 -78.33
N GLY D 152 15.58 1.91 -77.48
CA GLY D 152 14.82 3.11 -77.79
C GLY D 152 13.53 3.22 -77.01
N SER D 153 12.80 2.12 -76.89
CA SER D 153 11.55 2.03 -76.17
C SER D 153 11.81 1.59 -74.73
N GLU D 154 10.79 1.64 -73.89
CA GLU D 154 10.95 1.27 -72.49
C GLU D 154 9.78 0.42 -72.01
N ARG D 155 9.95 -0.17 -70.82
CA ARG D 155 9.21 -1.36 -70.40
C ARG D 155 8.86 -1.22 -68.91
N GLN D 156 7.70 -1.77 -68.53
CA GLN D 156 7.21 -1.58 -67.17
C GLN D 156 6.31 -2.70 -66.65
N ASN D 157 5.89 -3.62 -67.51
CA ASN D 157 4.77 -4.49 -67.16
C ASN D 157 5.11 -5.52 -66.10
N GLY D 158 6.29 -6.14 -66.19
CA GLY D 158 6.59 -7.23 -65.28
C GLY D 158 7.93 -7.18 -64.58
N VAL D 159 8.03 -6.42 -63.49
CA VAL D 159 9.30 -6.14 -62.84
C VAL D 159 9.17 -6.22 -61.32
N LEU D 160 10.27 -6.57 -60.67
CA LEU D 160 10.31 -6.85 -59.22
C LEU D 160 11.38 -5.97 -58.58
N ASN D 161 11.01 -5.27 -57.51
CA ASN D 161 11.91 -4.36 -56.81
C ASN D 161 11.99 -4.74 -55.33
N SER D 162 13.21 -4.65 -54.79
CA SER D 162 13.45 -4.91 -53.38
C SER D 162 14.31 -3.78 -52.83
N TRP D 163 13.89 -3.21 -51.70
CA TRP D 163 14.63 -2.14 -51.07
C TRP D 163 15.21 -2.61 -49.74
N THR D 164 16.39 -2.10 -49.42
CA THR D 164 17.03 -2.36 -48.14
C THR D 164 16.46 -1.42 -47.07
N ASP D 165 16.86 -1.67 -45.83
CA ASP D 165 16.58 -0.74 -44.75
C ASP D 165 17.74 0.23 -44.60
N GLN D 166 17.49 1.31 -43.87
CA GLN D 166 18.53 2.31 -43.65
C GLN D 166 19.77 1.69 -43.04
N ASP D 167 20.93 1.93 -43.65
CA ASP D 167 22.15 1.34 -43.16
C ASP D 167 22.51 1.90 -41.80
N SER D 168 22.89 1.01 -40.87
CA SER D 168 23.11 1.41 -39.48
C SER D 168 24.33 2.31 -39.32
N LYS D 169 25.24 2.36 -40.29
CA LYS D 169 26.46 3.14 -40.12
C LYS D 169 26.45 4.45 -40.89
N ASP D 170 26.14 4.43 -42.20
CA ASP D 170 26.18 5.63 -43.01
C ASP D 170 24.79 6.15 -43.38
N SER D 171 23.72 5.51 -42.89
CA SER D 171 22.35 6.01 -43.04
C SER D 171 21.94 6.13 -44.50
N THR D 172 22.46 5.26 -45.36
CA THR D 172 22.12 5.26 -46.78
C THR D 172 21.09 4.17 -47.05
N TYR D 173 20.67 4.09 -48.31
CA TYR D 173 19.75 3.06 -48.76
C TYR D 173 20.28 2.42 -50.03
N SER D 174 19.72 1.27 -50.37
CA SER D 174 20.09 0.53 -51.56
C SER D 174 18.85 -0.19 -52.08
N MET D 175 18.75 -0.29 -53.40
CA MET D 175 17.57 -0.87 -54.04
C MET D 175 18.00 -1.72 -55.22
N SER D 176 17.51 -2.95 -55.27
CA SER D 176 17.75 -3.85 -56.38
C SER D 176 16.50 -3.91 -57.26
N SER D 177 16.68 -3.63 -58.54
CA SER D 177 15.62 -3.76 -59.54
C SER D 177 16.04 -4.80 -60.55
N THR D 178 15.24 -5.86 -60.67
CA THR D 178 15.52 -6.96 -61.59
C THR D 178 14.33 -7.15 -62.51
N LEU D 179 14.59 -7.12 -63.81
CA LEU D 179 13.55 -7.33 -64.83
C LEU D 179 13.77 -8.70 -65.45
N THR D 180 12.81 -9.60 -65.24
CA THR D 180 12.91 -10.95 -65.76
C THR D 180 11.97 -11.08 -66.97
N LEU D 181 12.41 -11.83 -67.98
CA LEU D 181 11.70 -11.84 -69.24
C LEU D 181 12.06 -13.10 -70.01
N THR D 182 11.11 -13.57 -70.82
CA THR D 182 11.36 -14.74 -71.66
C THR D 182 12.40 -14.42 -72.71
N LYS D 183 13.42 -15.29 -72.83
CA LYS D 183 14.51 -15.03 -73.77
C LYS D 183 14.02 -14.88 -75.21
N ASP D 184 12.74 -15.15 -75.47
CA ASP D 184 12.11 -14.78 -76.74
C ASP D 184 12.40 -13.32 -77.07
N GLU D 185 12.09 -12.42 -76.14
CA GLU D 185 12.13 -10.98 -76.42
C GLU D 185 13.49 -10.36 -76.17
N TYR D 186 14.29 -10.93 -75.26
CA TYR D 186 15.56 -10.31 -74.89
C TYR D 186 16.59 -10.43 -76.02
N GLU D 187 16.61 -11.57 -76.71
CA GLU D 187 17.69 -11.83 -77.66
C GLU D 187 17.65 -10.91 -78.87
N ARG D 188 16.52 -10.25 -79.12
CA ARG D 188 16.37 -9.35 -80.25
C ARG D 188 17.16 -8.06 -80.09
N HIS D 189 17.41 -7.62 -78.87
CA HIS D 189 17.80 -6.24 -78.57
C HIS D 189 19.20 -6.24 -77.97
N ASN D 190 20.10 -5.48 -78.59
CA ASN D 190 21.52 -5.62 -78.28
C ASN D 190 21.88 -4.99 -76.93
N SER D 191 21.46 -3.75 -76.68
CA SER D 191 21.83 -3.04 -75.46
C SER D 191 20.60 -2.51 -74.75
N TYR D 192 20.72 -2.42 -73.43
CA TYR D 192 19.63 -2.09 -72.51
C TYR D 192 20.12 -1.07 -71.50
N THR D 193 19.21 -0.24 -70.99
CA THR D 193 19.54 0.76 -69.98
C THR D 193 18.56 0.70 -68.81
N CYS D 194 18.95 1.36 -67.72
CA CYS D 194 18.16 1.39 -66.48
C CYS D 194 18.05 2.84 -66.04
N GLU D 195 16.83 3.26 -65.72
CA GLU D 195 16.44 4.66 -65.59
C GLU D 195 16.00 4.93 -64.16
N ALA D 196 16.58 5.95 -63.52
CA ALA D 196 16.24 6.26 -62.14
C ALA D 196 16.25 7.76 -61.90
N THR D 197 15.15 8.28 -61.36
CA THR D 197 15.03 9.69 -61.01
C THR D 197 15.07 9.85 -59.50
N HIS D 198 15.98 10.71 -59.03
CA HIS D 198 16.16 10.97 -57.61
C HIS D 198 16.43 12.47 -57.44
N LYS D 199 16.06 13.00 -56.28
CA LYS D 199 16.19 14.44 -56.06
C LYS D 199 17.64 14.92 -56.10
N THR D 200 18.61 14.02 -56.10
CA THR D 200 20.01 14.41 -56.20
C THR D 200 20.35 15.04 -57.55
N SER D 201 19.49 14.87 -58.56
CA SER D 201 19.75 15.43 -59.88
C SER D 201 18.46 15.48 -60.66
N THR D 202 18.27 16.58 -61.41
CA THR D 202 17.10 16.69 -62.27
C THR D 202 17.17 15.68 -63.41
N SER D 203 18.33 15.56 -64.05
CA SER D 203 18.51 14.56 -65.09
C SER D 203 18.65 13.18 -64.44
N PRO D 204 18.00 12.15 -64.99
CA PRO D 204 18.06 10.83 -64.35
C PRO D 204 19.40 10.14 -64.56
N ILE D 205 19.85 9.46 -63.52
CA ILE D 205 21.05 8.62 -63.60
C ILE D 205 20.77 7.48 -64.57
N VAL D 206 21.77 7.13 -65.37
CA VAL D 206 21.59 6.17 -66.47
C VAL D 206 22.84 5.31 -66.60
N LYS D 207 22.64 4.00 -66.72
CA LYS D 207 23.72 3.06 -67.04
C LYS D 207 23.24 2.09 -68.10
N SER D 208 24.09 1.83 -69.08
CA SER D 208 23.77 0.88 -70.15
C SER D 208 24.64 -0.37 -70.09
N SER E 9 -25.29 -23.15 -9.32
CA SER E 9 -24.11 -23.12 -8.45
C SER E 9 -22.95 -22.33 -9.07
N LYS E 10 -23.27 -21.25 -9.79
CA LYS E 10 -22.22 -20.35 -10.28
C LYS E 10 -22.55 -18.88 -10.17
N LYS E 11 -23.81 -18.47 -10.06
CA LYS E 11 -24.05 -17.15 -9.49
C LYS E 11 -23.47 -17.08 -8.08
N ILE E 12 -23.46 -18.22 -7.38
CA ILE E 12 -22.79 -18.31 -6.09
C ILE E 12 -21.31 -17.99 -6.23
N THR E 13 -20.68 -18.46 -7.32
CA THR E 13 -19.28 -18.14 -7.58
C THR E 13 -19.12 -16.87 -8.40
N ASP E 14 -20.18 -16.41 -9.08
CA ASP E 14 -20.11 -15.16 -9.80
C ASP E 14 -20.01 -13.98 -8.85
N SER E 15 -20.72 -14.02 -7.72
CA SER E 15 -20.60 -13.00 -6.70
C SER E 15 -19.40 -13.20 -5.79
N ASN E 16 -18.77 -14.39 -5.82
CA ASN E 16 -17.46 -14.53 -5.22
C ASN E 16 -16.48 -13.56 -5.84
N ALA E 17 -16.51 -13.46 -7.18
CA ALA E 17 -15.61 -12.58 -7.90
C ALA E 17 -15.67 -11.14 -7.35
N VAL E 18 -16.87 -10.61 -7.16
CA VAL E 18 -16.96 -9.23 -6.70
C VAL E 18 -16.50 -9.12 -5.25
N LEU E 19 -16.70 -10.16 -4.44
CA LEU E 19 -16.18 -10.13 -3.08
C LEU E 19 -14.65 -10.13 -3.07
N LEU E 20 -14.03 -11.02 -3.85
CA LEU E 20 -12.57 -11.04 -3.93
C LEU E 20 -12.01 -9.74 -4.49
N ALA E 21 -12.71 -9.12 -5.44
CA ALA E 21 -12.23 -7.86 -6.00
C ALA E 21 -12.31 -6.73 -4.98
N VAL E 22 -13.36 -6.74 -4.14
CA VAL E 22 -13.48 -5.72 -3.10
C VAL E 22 -12.45 -5.95 -2.01
N LYS E 23 -12.22 -7.22 -1.64
CA LYS E 23 -11.21 -7.55 -0.64
C LYS E 23 -9.85 -7.02 -1.06
N GLU E 24 -9.54 -7.08 -2.36
CA GLU E 24 -8.27 -6.58 -2.86
C GLU E 24 -8.15 -5.07 -2.66
N VAL E 25 -9.19 -4.33 -3.02
CA VAL E 25 -9.22 -2.89 -2.78
C VAL E 25 -9.05 -2.61 -1.29
N GLU E 26 -9.72 -3.38 -0.45
CA GLU E 26 -9.61 -3.21 0.99
C GLU E 26 -8.17 -3.42 1.47
N ALA E 27 -7.46 -4.38 0.86
CA ALA E 27 -6.07 -4.61 1.23
C ALA E 27 -5.17 -3.48 0.75
N LEU E 28 -5.41 -2.97 -0.46
CA LEU E 28 -4.63 -1.84 -0.95
C LEU E 28 -4.82 -0.63 -0.04
N LEU E 29 -6.06 -0.40 0.42
CA LEU E 29 -6.30 0.70 1.34
C LEU E 29 -5.55 0.49 2.66
N SER E 30 -5.49 -0.75 3.13
CA SER E 30 -4.77 -1.01 4.38
C SER E 30 -3.30 -0.66 4.26
N SER E 31 -2.74 -0.71 3.04
CA SER E 31 -1.34 -0.35 2.88
C SER E 31 -1.12 1.16 3.01
N ILE E 32 -2.09 1.97 2.57
CA ILE E 32 -2.00 3.41 2.78
C ILE E 32 -2.07 3.74 4.27
N ASP E 33 -2.89 3.00 5.02
CA ASP E 33 -2.90 3.15 6.46
C ASP E 33 -1.51 2.89 7.04
N GLU E 34 -0.89 1.78 6.63
CA GLU E 34 0.38 1.37 7.20
C GLU E 34 1.44 2.44 7.02
N ILE E 35 1.62 2.94 5.79
CA ILE E 35 2.65 3.93 5.54
C ILE E 35 2.30 5.25 6.23
N ALA E 36 1.01 5.58 6.33
CA ALA E 36 0.62 6.80 7.03
C ALA E 36 0.95 6.71 8.51
N ALA E 37 0.64 5.57 9.14
CA ALA E 37 0.83 5.42 10.57
C ALA E 37 2.27 5.08 10.96
N LYS E 38 3.10 4.61 10.02
CA LYS E 38 4.41 4.10 10.38
C LYS E 38 5.55 4.51 9.48
N ALA E 39 5.30 5.17 8.35
CA ALA E 39 6.39 5.55 7.46
C ALA E 39 6.60 7.05 7.34
N ILE E 40 5.62 7.87 7.71
CA ILE E 40 5.77 9.31 7.64
C ILE E 40 6.86 9.75 8.61
N GLY E 41 7.80 10.56 8.13
CA GLY E 41 8.90 11.01 8.96
C GLY E 41 9.81 9.91 9.43
N LYS E 42 10.08 8.92 8.57
CA LYS E 42 10.90 7.78 8.94
C LYS E 42 11.88 7.45 7.82
N LYS E 43 12.94 6.74 8.19
CA LYS E 43 13.94 6.26 7.23
C LYS E 43 14.37 4.87 7.63
N ILE E 44 15.04 4.18 6.72
CA ILE E 44 15.49 2.82 6.97
C ILE E 44 16.73 2.85 7.84
N HIS E 45 16.68 2.18 8.99
CA HIS E 45 17.78 2.02 9.92
C HIS E 45 18.17 0.55 9.96
N GLN E 46 19.48 0.27 10.05
CA GLN E 46 19.90 -1.14 9.97
C GLN E 46 19.49 -1.91 11.21
N ASN E 47 19.66 -1.32 12.40
CA ASN E 47 19.33 -2.01 13.64
C ASN E 47 17.85 -1.86 14.01
N ASN E 48 17.27 -0.68 13.83
CA ASN E 48 15.91 -0.40 14.27
C ASN E 48 14.86 -0.60 13.20
N GLY E 49 15.26 -0.77 11.95
CA GLY E 49 14.29 -0.85 10.87
C GLY E 49 13.87 0.53 10.41
N LEU E 50 13.10 1.24 11.23
CA LEU E 50 12.67 2.59 10.95
C LEU E 50 13.10 3.50 12.10
N ASP E 51 13.68 4.65 11.75
CA ASP E 51 14.11 5.67 12.70
C ASP E 51 13.65 7.04 12.19
N THR E 52 13.94 8.08 12.94
CA THR E 52 13.41 9.40 12.64
C THR E 52 14.10 10.02 11.43
N GLU E 53 13.29 10.63 10.55
CA GLU E 53 13.80 11.45 9.44
C GLU E 53 12.64 12.37 9.03
N ASN E 54 12.64 13.59 9.56
CA ASN E 54 11.47 14.45 9.50
C ASN E 54 11.43 15.31 8.23
N ASN E 55 10.22 15.49 7.70
CA ASN E 55 9.86 16.56 6.77
C ASN E 55 10.44 16.36 5.37
N HIS E 56 10.37 15.13 4.86
CA HIS E 56 10.81 14.81 3.50
C HIS E 56 9.90 13.72 2.95
N ASN E 57 8.58 13.91 3.12
CA ASN E 57 7.59 12.88 2.83
C ASN E 57 7.02 12.98 1.42
N GLY E 58 7.66 13.72 0.51
CA GLY E 58 7.12 13.86 -0.83
C GLY E 58 7.05 12.56 -1.59
N SER E 59 8.14 11.77 -1.55
CA SER E 59 8.15 10.49 -2.27
C SER E 59 7.14 9.53 -1.68
N LEU E 60 7.03 9.46 -0.35
CA LEU E 60 6.03 8.62 0.27
C LEU E 60 4.62 9.07 -0.10
N LEU E 61 4.43 10.38 -0.25
CA LEU E 61 3.13 10.88 -0.71
C LEU E 61 2.87 10.46 -2.16
N ALA E 62 3.91 10.40 -2.98
CA ALA E 62 3.72 9.97 -4.37
C ALA E 62 3.32 8.51 -4.42
N GLY E 63 3.90 7.67 -3.56
CA GLY E 63 3.46 6.29 -3.47
C GLY E 63 2.00 6.18 -3.06
N ALA E 64 1.59 6.98 -2.07
CA ALA E 64 0.20 6.98 -1.65
C ALA E 64 -0.72 7.40 -2.79
N TYR E 65 -0.31 8.40 -3.58
CA TYR E 65 -1.11 8.76 -4.74
C TYR E 65 -1.18 7.60 -5.73
N ALA E 66 -0.05 6.93 -5.97
CA ALA E 66 -0.02 5.86 -6.96
C ALA E 66 -0.86 4.67 -6.51
N ILE E 67 -0.84 4.34 -5.22
CA ILE E 67 -1.74 3.32 -4.70
C ILE E 67 -3.19 3.75 -4.87
N SER E 68 -3.46 5.04 -4.68
CA SER E 68 -4.84 5.50 -4.79
C SER E 68 -5.33 5.43 -6.23
N THR E 69 -4.47 5.79 -7.21
CA THR E 69 -4.87 5.64 -8.61
C THR E 69 -5.17 4.19 -8.92
N LEU E 70 -4.34 3.28 -8.41
CA LEU E 70 -4.59 1.85 -8.61
C LEU E 70 -5.95 1.43 -8.03
N ILE E 71 -6.24 1.91 -6.81
CA ILE E 71 -7.55 1.65 -6.20
C ILE E 71 -8.67 2.13 -7.12
N LYS E 72 -8.53 3.37 -7.63
CA LYS E 72 -9.55 3.91 -8.53
C LYS E 72 -9.68 3.05 -9.78
N GLN E 73 -8.57 2.51 -10.27
CA GLN E 73 -8.61 1.58 -11.40
C GLN E 73 -9.44 0.35 -11.06
N LYS E 74 -9.17 -0.25 -9.88
CA LYS E 74 -9.88 -1.46 -9.48
C LYS E 74 -11.38 -1.21 -9.38
N LEU E 75 -11.77 -0.13 -8.73
CA LEU E 75 -13.20 0.15 -8.51
C LEU E 75 -13.91 0.43 -9.83
N ASP E 76 -13.25 1.08 -10.77
CA ASP E 76 -13.85 1.33 -12.08
C ASP E 76 -14.12 0.03 -12.83
N GLY E 77 -13.30 -1.00 -12.59
CA GLY E 77 -13.51 -2.29 -13.21
C GLY E 77 -14.56 -3.15 -12.56
N LEU E 78 -15.13 -2.70 -11.45
CA LEU E 78 -16.18 -3.45 -10.74
C LEU E 78 -17.52 -3.18 -11.41
N LYS E 79 -18.10 -4.22 -12.02
CA LYS E 79 -19.40 -4.12 -12.66
C LYS E 79 -20.31 -5.20 -12.09
N ASN E 80 -21.37 -4.79 -11.43
CA ASN E 80 -22.42 -5.71 -10.99
C ASN E 80 -23.67 -4.92 -10.69
N GLU E 81 -24.78 -5.27 -11.33
CA GLU E 81 -26.02 -4.52 -11.18
C GLU E 81 -26.51 -4.52 -9.74
N GLY E 82 -26.21 -5.58 -8.97
CA GLY E 82 -26.69 -5.66 -7.61
C GLY E 82 -26.11 -4.57 -6.72
N LEU E 83 -24.79 -4.42 -6.72
CA LEU E 83 -24.10 -3.47 -5.85
C LEU E 83 -23.72 -2.19 -6.58
N LYS E 84 -24.34 -1.89 -7.72
CA LYS E 84 -23.81 -0.85 -8.59
C LYS E 84 -23.89 0.53 -7.94
N GLU E 85 -24.96 0.80 -7.19
CA GLU E 85 -25.06 2.08 -6.49
C GLU E 85 -23.99 2.20 -5.41
N LYS E 86 -23.69 1.10 -4.71
CA LYS E 86 -22.64 1.15 -3.71
C LYS E 86 -21.25 1.19 -4.33
N ILE E 87 -21.08 0.56 -5.50
CA ILE E 87 -19.81 0.68 -6.21
C ILE E 87 -19.59 2.11 -6.69
N ASP E 88 -20.66 2.75 -7.21
CA ASP E 88 -20.52 4.12 -7.69
C ASP E 88 -20.22 5.08 -6.54
N ALA E 89 -20.78 4.84 -5.36
CA ALA E 89 -20.43 5.64 -4.20
C ALA E 89 -18.95 5.47 -3.85
N ALA E 90 -18.46 4.22 -3.89
CA ALA E 90 -17.04 3.98 -3.67
C ALA E 90 -16.20 4.67 -4.74
N LYS E 91 -16.61 4.58 -6.00
CA LYS E 91 -15.88 5.24 -7.08
C LYS E 91 -15.77 6.73 -6.84
N LYS E 92 -16.90 7.38 -6.54
CA LYS E 92 -16.87 8.83 -6.31
C LYS E 92 -16.01 9.19 -5.11
N CYS E 93 -16.11 8.40 -4.03
CA CYS E 93 -15.28 8.64 -2.85
C CYS E 93 -13.80 8.58 -3.19
N SER E 94 -13.39 7.59 -3.99
CA SER E 94 -12.00 7.47 -4.41
C SER E 94 -11.57 8.70 -5.23
N GLU E 95 -12.36 9.06 -6.24
CA GLU E 95 -12.01 10.19 -7.08
C GLU E 95 -11.96 11.49 -6.29
N THR E 96 -12.83 11.64 -5.29
CA THR E 96 -12.77 12.84 -4.47
C THR E 96 -11.50 12.86 -3.63
N PHE E 97 -11.06 11.69 -3.16
CA PHE E 97 -9.82 11.62 -2.39
C PHE E 97 -8.62 12.01 -3.25
N THR E 98 -8.47 11.34 -4.41
CA THR E 98 -7.33 11.61 -5.28
C THR E 98 -7.29 13.07 -5.69
N ASN E 99 -8.45 13.63 -6.08
CA ASN E 99 -8.51 15.05 -6.43
C ASN E 99 -8.12 15.96 -5.30
N LYS E 100 -8.28 15.53 -4.04
CA LYS E 100 -7.91 16.38 -2.91
C LYS E 100 -6.40 16.50 -2.78
N LEU E 101 -5.67 15.39 -2.95
CA LEU E 101 -4.21 15.45 -2.88
C LEU E 101 -3.64 16.36 -3.96
N LYS E 102 -4.10 16.20 -5.20
CA LYS E 102 -3.66 17.09 -6.28
C LYS E 102 -4.04 18.54 -6.00
N GLU E 103 -5.18 18.77 -5.36
CA GLU E 103 -5.56 20.12 -4.96
C GLU E 103 -4.53 20.71 -4.00
N LYS E 104 -4.04 19.88 -3.07
CA LYS E 104 -3.06 20.32 -2.08
C LYS E 104 -1.63 20.12 -2.60
N HIS E 105 -1.44 20.21 -3.92
CA HIS E 105 -0.12 19.98 -4.49
C HIS E 105 0.92 20.93 -3.91
N THR E 106 0.50 22.17 -3.60
CA THR E 106 1.44 23.15 -3.05
C THR E 106 2.09 22.65 -1.77
N ASP E 107 1.37 21.85 -0.98
CA ASP E 107 1.92 21.30 0.26
C ASP E 107 2.43 19.87 0.13
N LEU E 108 1.89 19.08 -0.79
CA LEU E 108 2.29 17.68 -0.93
C LEU E 108 3.05 17.39 -2.22
N GLY E 109 3.08 18.32 -3.17
CA GLY E 109 3.77 18.09 -4.42
C GLY E 109 5.18 18.67 -4.41
N LYS E 110 6.01 18.12 -3.54
CA LYS E 110 7.37 18.60 -3.35
C LYS E 110 8.13 17.54 -2.57
N GLU E 111 9.45 17.58 -2.71
CA GLU E 111 10.28 16.63 -1.97
C GLU E 111 10.11 16.81 -0.47
N GLY E 112 10.32 18.03 0.03
CA GLY E 112 10.30 18.26 1.46
C GLY E 112 8.93 18.46 2.08
N VAL E 113 8.05 17.48 1.92
CA VAL E 113 6.74 17.54 2.56
C VAL E 113 6.89 17.32 4.05
N THR E 114 6.33 18.24 4.84
CA THR E 114 6.47 18.13 6.29
C THR E 114 5.61 16.98 6.82
N ASP E 115 6.02 16.47 7.98
CA ASP E 115 5.27 15.40 8.63
C ASP E 115 3.83 15.83 8.90
N ALA E 116 3.65 17.05 9.40
CA ALA E 116 2.31 17.54 9.67
C ALA E 116 1.45 17.54 8.41
N ASP E 117 1.98 18.08 7.30
CA ASP E 117 1.26 18.06 6.03
C ASP E 117 0.91 16.64 5.62
N ALA E 118 1.86 15.71 5.74
CA ALA E 118 1.61 14.34 5.31
C ALA E 118 0.51 13.69 6.14
N LYS E 119 0.56 13.83 7.46
CA LYS E 119 -0.50 13.26 8.30
C LYS E 119 -1.87 13.87 7.98
N GLU E 120 -1.91 15.14 7.56
CA GLU E 120 -3.17 15.78 7.21
C GLU E 120 -3.70 15.31 5.87
N ALA E 121 -2.97 14.44 5.18
CA ALA E 121 -3.34 13.99 3.84
C ALA E 121 -3.72 12.52 3.79
N ILE E 122 -3.01 11.65 4.52
CA ILE E 122 -3.20 10.22 4.42
C ILE E 122 -3.35 9.53 5.77
N LEU E 123 -3.24 10.24 6.88
CA LEU E 123 -3.45 9.66 8.20
C LEU E 123 -4.88 10.01 8.65
N LYS E 124 -5.82 9.12 8.34
CA LYS E 124 -7.24 9.39 8.55
C LYS E 124 -7.59 9.59 10.01
N THR E 125 -6.74 9.19 10.94
CA THR E 125 -7.00 9.34 12.37
C THR E 125 -6.35 10.58 12.96
N ASN E 126 -5.68 11.38 12.14
CA ASN E 126 -5.06 12.60 12.61
C ASN E 126 -6.11 13.62 13.06
N GLY E 127 -5.75 14.43 14.05
CA GLY E 127 -6.70 15.40 14.59
C GLY E 127 -7.18 16.40 13.55
N THR E 128 -6.28 16.81 12.66
CA THR E 128 -6.62 17.67 11.54
C THR E 128 -6.50 16.86 10.24
N LYS E 129 -7.49 17.01 9.36
CA LYS E 129 -7.63 16.18 8.17
C LYS E 129 -7.80 17.04 6.92
N THR E 130 -7.03 18.13 6.85
CA THR E 130 -7.32 19.22 5.94
C THR E 130 -6.82 18.98 4.51
N LYS E 131 -5.89 18.05 4.31
CA LYS E 131 -5.22 17.90 3.02
C LYS E 131 -5.48 16.54 2.37
N GLY E 132 -6.56 15.85 2.73
CA GLY E 132 -6.87 14.59 2.10
C GLY E 132 -7.36 13.52 3.06
N ALA E 133 -6.92 13.60 4.32
CA ALA E 133 -7.25 12.57 5.29
C ALA E 133 -8.77 12.43 5.47
N GLU E 134 -9.48 13.56 5.45
CA GLU E 134 -10.93 13.52 5.58
C GLU E 134 -11.56 12.68 4.47
N GLU E 135 -11.20 12.98 3.21
CA GLU E 135 -11.73 12.21 2.09
C GLU E 135 -11.29 10.76 2.15
N LEU E 136 -10.10 10.49 2.69
CA LEU E 136 -9.64 9.11 2.81
C LEU E 136 -10.55 8.30 3.73
N GLY E 137 -10.87 8.85 4.90
CA GLY E 137 -11.74 8.14 5.82
C GLY E 137 -13.07 7.76 5.19
N LYS E 138 -13.66 8.68 4.42
CA LYS E 138 -14.87 8.37 3.68
C LYS E 138 -14.63 7.31 2.61
N LEU E 139 -13.44 7.29 2.01
CA LEU E 139 -13.11 6.23 1.06
C LEU E 139 -13.14 4.87 1.75
N PHE E 140 -12.53 4.77 2.94
CA PHE E 140 -12.54 3.52 3.69
C PHE E 140 -13.96 3.04 3.94
N GLU E 141 -14.81 3.90 4.51
CA GLU E 141 -16.16 3.47 4.87
C GLU E 141 -16.97 3.13 3.63
N SER E 142 -16.71 3.85 2.52
CA SER E 142 -17.37 3.53 1.26
C SER E 142 -17.06 2.08 0.84
N VAL E 143 -15.79 1.68 0.91
CA VAL E 143 -15.43 0.30 0.59
C VAL E 143 -15.98 -0.66 1.64
N GLU E 144 -16.01 -0.22 2.91
CA GLU E 144 -16.59 -1.06 3.97
C GLU E 144 -18.06 -1.34 3.67
N VAL E 145 -18.82 -0.30 3.29
CA VAL E 145 -20.22 -0.47 2.94
C VAL E 145 -20.35 -1.48 1.81
N LEU E 146 -19.45 -1.40 0.82
CA LEU E 146 -19.46 -2.32 -0.31
C LEU E 146 -19.07 -3.72 0.13
N SER E 147 -18.09 -3.84 1.03
CA SER E 147 -17.64 -5.14 1.49
C SER E 147 -18.74 -5.89 2.23
N LYS E 148 -19.51 -5.17 3.07
CA LYS E 148 -20.64 -5.80 3.75
C LYS E 148 -21.69 -6.28 2.75
N ALA E 149 -22.02 -5.45 1.77
CA ALA E 149 -23.03 -5.82 0.79
C ALA E 149 -22.55 -6.97 -0.09
N ALA E 150 -21.26 -7.01 -0.40
CA ALA E 150 -20.72 -8.15 -1.13
C ALA E 150 -20.77 -9.41 -0.26
N LYS E 151 -20.46 -9.27 1.03
CA LYS E 151 -20.52 -10.40 1.94
C LYS E 151 -21.95 -10.84 2.24
N GLU E 152 -22.95 -10.04 1.85
CA GLU E 152 -24.33 -10.50 1.96
C GLU E 152 -24.79 -11.19 0.69
N MET E 153 -24.22 -10.82 -0.46
CA MET E 153 -24.63 -11.44 -1.72
C MET E 153 -24.26 -12.92 -1.78
N LEU E 154 -23.05 -13.27 -1.32
CA LEU E 154 -22.67 -14.69 -1.30
C LEU E 154 -23.34 -15.43 -0.14
N ALA E 155 -23.46 -14.76 1.01
CA ALA E 155 -23.95 -15.43 2.21
C ALA E 155 -25.41 -15.81 2.07
N ASN E 156 -26.22 -14.95 1.45
CA ASN E 156 -27.63 -15.27 1.25
C ASN E 156 -27.80 -16.38 0.22
N SER E 157 -26.89 -16.47 -0.75
CA SER E 157 -26.96 -17.54 -1.72
C SER E 157 -26.30 -18.82 -1.22
N VAL E 158 -25.27 -18.71 -0.36
CA VAL E 158 -24.67 -19.90 0.22
C VAL E 158 -25.58 -20.53 1.25
N LYS E 159 -26.58 -19.79 1.74
CA LYS E 159 -27.60 -20.36 2.61
C LYS E 159 -28.43 -21.43 1.92
N GLU E 160 -28.34 -21.52 0.58
CA GLU E 160 -29.05 -22.56 -0.16
C GLU E 160 -28.60 -23.96 0.24
N LEU E 161 -27.42 -24.09 0.88
CA LEU E 161 -26.90 -25.41 1.23
C LEU E 161 -27.74 -26.10 2.30
N THR E 162 -28.21 -25.34 3.30
CA THR E 162 -28.94 -25.92 4.44
C THR E 162 -30.33 -25.31 4.56
N SER E 163 -30.79 -24.57 3.56
CA SER E 163 -32.15 -24.01 3.59
C SER E 163 -32.89 -24.32 2.30
N THR F 6 -21.96 -32.13 6.61
CA THR F 6 -21.44 -30.97 7.31
C THR F 6 -19.97 -31.18 7.68
N GLU F 7 -19.51 -32.43 7.53
CA GLU F 7 -18.10 -32.72 7.77
C GLU F 7 -17.20 -31.90 6.87
N ILE F 8 -17.66 -31.62 5.65
CA ILE F 8 -16.88 -30.84 4.70
C ILE F 8 -17.30 -29.37 4.77
N SER F 9 -18.55 -29.13 5.19
CA SER F 9 -19.04 -27.75 5.31
C SER F 9 -18.09 -26.87 6.11
N LYS F 10 -17.40 -27.43 7.10
CA LYS F 10 -16.42 -26.67 7.86
C LYS F 10 -15.03 -26.69 7.24
N LYS F 11 -14.68 -27.79 6.56
CA LYS F 11 -13.37 -27.88 5.92
C LYS F 11 -13.28 -27.02 4.66
N ILE F 12 -14.41 -26.78 4.00
CA ILE F 12 -14.43 -25.79 2.92
C ILE F 12 -14.26 -24.38 3.50
N THR F 13 -14.84 -24.14 4.67
CA THR F 13 -14.69 -22.84 5.32
C THR F 13 -13.27 -22.65 5.82
N ASP F 14 -12.64 -23.71 6.34
CA ASP F 14 -11.25 -23.62 6.78
C ASP F 14 -10.33 -23.34 5.60
N SER F 15 -10.54 -24.03 4.47
CA SER F 15 -9.67 -23.85 3.32
C SER F 15 -9.77 -22.43 2.77
N ASN F 16 -10.96 -21.83 2.82
CA ASN F 16 -11.17 -20.51 2.24
C ASN F 16 -10.59 -19.40 3.11
N ALA F 17 -10.53 -19.62 4.44
CA ALA F 17 -9.85 -18.65 5.30
C ALA F 17 -8.38 -18.54 4.95
N VAL F 18 -7.74 -19.68 4.67
CA VAL F 18 -6.33 -19.68 4.25
C VAL F 18 -6.16 -18.88 2.98
N LEU F 19 -7.07 -19.06 2.01
CA LEU F 19 -6.96 -18.33 0.76
C LEU F 19 -7.08 -16.83 0.97
N LEU F 20 -8.07 -16.39 1.75
CA LEU F 20 -8.27 -14.96 1.98
C LEU F 20 -7.05 -14.32 2.62
N ALA F 21 -6.44 -15.00 3.59
CA ALA F 21 -5.24 -14.46 4.21
C ALA F 21 -4.10 -14.32 3.20
N VAL F 22 -3.96 -15.31 2.30
CA VAL F 22 -2.91 -15.26 1.30
C VAL F 22 -3.16 -14.15 0.30
N LYS F 23 -4.41 -13.99 -0.15
CA LYS F 23 -4.71 -12.96 -1.12
C LYS F 23 -4.47 -11.56 -0.56
N GLU F 24 -4.64 -11.38 0.75
CA GLU F 24 -4.30 -10.10 1.37
C GLU F 24 -2.80 -9.84 1.25
N VAL F 25 -1.99 -10.84 1.59
CA VAL F 25 -0.54 -10.72 1.42
C VAL F 25 -0.20 -10.41 -0.03
N GLU F 26 -0.89 -11.07 -0.97
CA GLU F 26 -0.62 -10.84 -2.38
C GLU F 26 -0.92 -9.39 -2.77
N ALA F 27 -1.97 -8.79 -2.19
CA ALA F 27 -2.36 -7.44 -2.57
C ALA F 27 -1.39 -6.39 -2.04
N LEU F 28 -0.89 -6.58 -0.81
CA LEU F 28 0.07 -5.63 -0.25
C LEU F 28 1.39 -5.66 -1.03
N LEU F 29 1.84 -6.84 -1.42
CA LEU F 29 2.99 -6.93 -2.32
C LEU F 29 2.70 -6.22 -3.62
N SER F 30 1.47 -6.33 -4.14
CA SER F 30 1.11 -5.63 -5.36
C SER F 30 1.20 -4.11 -5.18
N SER F 31 1.10 -3.61 -3.94
CA SER F 31 1.23 -2.18 -3.72
C SER F 31 2.69 -1.75 -3.73
N ILE F 32 3.59 -2.59 -3.22
CA ILE F 32 5.02 -2.32 -3.37
C ILE F 32 5.38 -2.25 -4.85
N ASP F 33 4.89 -3.20 -5.63
CA ASP F 33 5.07 -3.17 -7.08
C ASP F 33 4.61 -1.85 -7.67
N GLU F 34 3.47 -1.33 -7.20
CA GLU F 34 2.90 -0.13 -7.81
C GLU F 34 3.76 1.10 -7.53
N ILE F 35 4.19 1.27 -6.27
CA ILE F 35 4.98 2.46 -5.94
C ILE F 35 6.36 2.39 -6.57
N ALA F 36 6.92 1.18 -6.71
CA ALA F 36 8.23 1.04 -7.34
C ALA F 36 8.18 1.40 -8.82
N ALA F 37 7.08 1.06 -9.48
CA ALA F 37 6.95 1.29 -10.91
C ALA F 37 6.43 2.68 -11.24
N LYS F 38 5.75 3.35 -10.31
CA LYS F 38 5.04 4.58 -10.63
C LYS F 38 5.35 5.76 -9.72
N ALA F 39 5.93 5.56 -8.54
CA ALA F 39 6.17 6.66 -7.62
C ALA F 39 7.65 7.01 -7.45
N ILE F 40 8.56 6.13 -7.87
CA ILE F 40 9.99 6.44 -7.73
C ILE F 40 10.35 7.60 -8.64
N GLY F 41 11.05 8.58 -8.08
CA GLY F 41 11.40 9.78 -8.84
C GLY F 41 10.22 10.67 -9.20
N LYS F 42 9.13 10.60 -8.43
CA LYS F 42 7.92 11.33 -8.76
C LYS F 42 7.46 12.18 -7.58
N LYS F 43 6.70 13.23 -7.91
CA LYS F 43 6.03 14.08 -6.93
C LYS F 43 4.59 14.32 -7.37
N ILE F 44 3.75 14.69 -6.41
CA ILE F 44 2.35 14.96 -6.72
C ILE F 44 2.27 16.23 -7.56
N HIS F 45 1.39 16.22 -8.55
CA HIS F 45 1.24 17.34 -9.47
C HIS F 45 -0.21 17.79 -9.51
N GLN F 46 -0.40 19.10 -9.73
CA GLN F 46 -1.74 19.69 -9.68
C GLN F 46 -2.66 19.07 -10.72
N ASN F 47 -2.17 18.82 -11.93
CA ASN F 47 -3.00 18.38 -13.04
C ASN F 47 -2.61 17.01 -13.57
N ASN F 48 -1.32 16.73 -13.68
CA ASN F 48 -0.81 15.47 -14.21
C ASN F 48 -0.85 14.33 -13.19
N GLY F 49 -1.18 14.62 -11.93
CA GLY F 49 -1.20 13.57 -10.93
C GLY F 49 0.15 13.30 -10.33
N LEU F 50 1.10 12.84 -11.15
CA LEU F 50 2.48 12.66 -10.73
C LEU F 50 3.41 13.25 -11.77
N ASP F 51 4.39 14.03 -11.31
CA ASP F 51 5.41 14.65 -12.13
C ASP F 51 6.78 14.18 -11.67
N THR F 52 7.81 14.55 -12.42
CA THR F 52 9.17 14.10 -12.13
C THR F 52 9.77 14.88 -10.96
N GLU F 53 10.42 14.15 -10.06
CA GLU F 53 11.11 14.75 -8.92
C GLU F 53 12.17 13.75 -8.46
N ASN F 54 13.42 13.97 -8.89
CA ASN F 54 14.46 12.95 -8.84
C ASN F 54 15.21 12.93 -7.52
N ASN F 55 15.49 11.72 -7.05
CA ASN F 55 16.54 11.43 -6.07
C ASN F 55 16.21 11.84 -4.64
N HIS F 56 14.94 11.68 -4.23
CA HIS F 56 14.55 11.86 -2.84
C HIS F 56 13.54 10.77 -2.47
N ASN F 57 13.95 9.50 -2.57
CA ASN F 57 13.04 8.38 -2.39
C ASN F 57 13.08 7.80 -0.99
N GLY F 58 13.63 8.55 -0.02
CA GLY F 58 13.78 8.01 1.33
C GLY F 58 12.46 7.64 1.97
N SER F 59 11.54 8.61 2.04
CA SER F 59 10.26 8.37 2.69
C SER F 59 9.48 7.26 1.97
N LEU F 60 9.57 7.22 0.65
CA LEU F 60 8.90 6.16 -0.11
C LEU F 60 9.44 4.79 0.28
N LEU F 61 10.76 4.65 0.37
CA LEU F 61 11.35 3.38 0.77
C LEU F 61 11.05 3.04 2.22
N ALA F 62 10.92 4.06 3.08
CA ALA F 62 10.42 3.81 4.42
C ALA F 62 9.03 3.18 4.37
N GLY F 63 8.22 3.61 3.40
CA GLY F 63 6.91 3.01 3.22
C GLY F 63 6.99 1.57 2.75
N ALA F 64 7.87 1.30 1.80
CA ALA F 64 8.07 -0.07 1.33
C ALA F 64 8.50 -0.98 2.49
N TYR F 65 9.42 -0.50 3.32
CA TYR F 65 9.82 -1.27 4.48
C TYR F 65 8.63 -1.52 5.41
N ALA F 66 7.78 -0.50 5.60
CA ALA F 66 6.65 -0.65 6.51
C ALA F 66 5.61 -1.62 5.95
N ILE F 67 5.35 -1.58 4.64
CA ILE F 67 4.45 -2.55 4.04
C ILE F 67 5.03 -3.95 4.19
N SER F 68 6.35 -4.08 4.06
CA SER F 68 6.99 -5.38 4.18
C SER F 68 7.02 -5.87 5.64
N THR F 69 7.07 -4.95 6.61
CA THR F 69 6.88 -5.36 8.01
C THR F 69 5.55 -6.06 8.18
N LEU F 70 4.51 -5.51 7.55
CA LEU F 70 3.16 -6.02 7.70
C LEU F 70 2.99 -7.36 6.97
N ILE F 71 3.59 -7.48 5.78
CA ILE F 71 3.56 -8.76 5.07
C ILE F 71 4.17 -9.85 5.94
N LYS F 72 5.36 -9.59 6.48
CA LYS F 72 5.97 -10.54 7.41
C LYS F 72 5.03 -10.84 8.57
N GLN F 73 4.34 -9.82 9.09
CA GLN F 73 3.43 -10.03 10.21
C GLN F 73 2.25 -10.90 9.81
N LYS F 74 1.70 -10.70 8.61
CA LYS F 74 0.57 -11.50 8.15
C LYS F 74 0.98 -12.95 7.93
N LEU F 75 2.16 -13.17 7.35
CA LEU F 75 2.61 -14.53 7.06
C LEU F 75 2.89 -15.30 8.34
N ASP F 76 3.43 -14.63 9.37
CA ASP F 76 3.65 -15.30 10.65
C ASP F 76 2.34 -15.71 11.29
N GLY F 77 1.27 -14.94 11.09
CA GLY F 77 -0.03 -15.32 11.59
C GLY F 77 -0.73 -16.39 10.78
N LEU F 78 -0.22 -16.70 9.58
CA LEU F 78 -0.81 -17.73 8.73
C LEU F 78 -0.36 -19.10 9.22
N LYS F 79 -1.32 -20.00 9.48
CA LYS F 79 -1.02 -21.31 10.02
C LYS F 79 -1.97 -22.34 9.45
N ASN F 80 -1.39 -23.39 8.84
CA ASN F 80 -2.15 -24.49 8.27
C ASN F 80 -1.21 -25.66 8.10
N GLU F 81 -1.65 -26.85 8.51
CA GLU F 81 -0.75 -28.00 8.52
C GLU F 81 -0.42 -28.48 7.12
N GLY F 82 -1.40 -28.46 6.21
CA GLY F 82 -1.16 -28.95 4.86
C GLY F 82 -0.13 -28.13 4.11
N LEU F 83 -0.18 -26.81 4.25
CA LEU F 83 0.71 -25.90 3.53
C LEU F 83 1.82 -25.35 4.41
N LYS F 84 2.27 -26.11 5.40
CA LYS F 84 3.26 -25.61 6.34
C LYS F 84 4.56 -25.27 5.63
N GLU F 85 5.13 -26.24 4.90
CA GLU F 85 6.39 -26.03 4.19
C GLU F 85 6.38 -24.79 3.30
N LYS F 86 5.27 -24.50 2.63
CA LYS F 86 5.23 -23.43 1.65
C LYS F 86 4.83 -22.09 2.28
N ILE F 87 4.18 -22.11 3.44
CA ILE F 87 4.06 -20.90 4.25
C ILE F 87 5.44 -20.45 4.72
N ASP F 88 6.17 -21.37 5.37
CA ASP F 88 7.47 -21.02 5.92
C ASP F 88 8.47 -20.64 4.84
N ALA F 89 8.31 -21.19 3.64
CA ALA F 89 9.14 -20.77 2.52
C ALA F 89 8.91 -19.29 2.21
N ALA F 90 7.65 -18.88 2.15
CA ALA F 90 7.32 -17.47 1.95
C ALA F 90 7.82 -16.62 3.12
N LYS F 91 7.60 -17.08 4.35
CA LYS F 91 8.08 -16.35 5.52
C LYS F 91 9.57 -16.06 5.42
N LYS F 92 10.37 -17.08 5.09
CA LYS F 92 11.80 -16.87 5.00
C LYS F 92 12.17 -15.94 3.85
N CYS F 93 11.41 -15.99 2.75
CA CYS F 93 11.60 -15.00 1.70
C CYS F 93 11.29 -13.60 2.21
N SER F 94 10.22 -13.47 2.99
CA SER F 94 9.88 -12.17 3.56
C SER F 94 11.00 -11.64 4.45
N GLU F 95 11.43 -12.44 5.44
CA GLU F 95 12.50 -11.99 6.32
C GLU F 95 13.78 -11.73 5.54
N THR F 96 14.02 -12.46 4.43
CA THR F 96 15.21 -12.19 3.63
C THR F 96 15.09 -10.86 2.91
N PHE F 97 13.89 -10.52 2.44
CA PHE F 97 13.70 -9.23 1.77
C PHE F 97 13.92 -8.08 2.74
N THR F 98 13.21 -8.09 3.87
CA THR F 98 13.31 -6.99 4.83
C THR F 98 14.74 -6.84 5.34
N ASN F 99 15.42 -7.96 5.60
CA ASN F 99 16.80 -7.88 6.06
C ASN F 99 17.71 -7.29 5.00
N LYS F 100 17.41 -7.52 3.72
CA LYS F 100 18.22 -6.94 2.66
C LYS F 100 18.10 -5.42 2.65
N LEU F 101 16.87 -4.91 2.79
CA LEU F 101 16.68 -3.46 2.84
C LEU F 101 17.42 -2.84 4.02
N LYS F 102 17.34 -3.49 5.19
CA LYS F 102 18.08 -3.01 6.35
C LYS F 102 19.58 -3.00 6.06
N GLU F 103 20.07 -4.03 5.36
CA GLU F 103 21.50 -4.15 5.12
C GLU F 103 22.02 -2.99 4.26
N LYS F 104 21.23 -2.54 3.29
CA LYS F 104 21.62 -1.43 2.45
C LYS F 104 21.13 -0.09 2.99
N HIS F 105 21.17 0.08 4.32
CA HIS F 105 20.70 1.32 4.93
C HIS F 105 21.54 2.51 4.50
N THR F 106 22.80 2.30 4.12
CA THR F 106 23.65 3.40 3.71
C THR F 106 23.16 4.05 2.43
N ASP F 107 22.50 3.28 1.57
CA ASP F 107 21.96 3.81 0.32
C ASP F 107 20.45 4.00 0.36
N LEU F 108 19.75 3.35 1.29
CA LEU F 108 18.30 3.44 1.35
C LEU F 108 17.80 4.22 2.56
N GLY F 109 18.64 4.46 3.56
CA GLY F 109 18.22 5.08 4.80
C GLY F 109 18.57 6.55 4.92
N LYS F 110 18.16 7.32 3.92
CA LYS F 110 18.39 8.75 3.83
C LYS F 110 17.22 9.33 3.05
N GLU F 111 16.87 10.59 3.33
CA GLU F 111 15.84 11.24 2.53
C GLU F 111 16.19 11.21 1.05
N GLY F 112 17.47 11.42 0.72
CA GLY F 112 17.89 11.54 -0.65
C GLY F 112 18.28 10.23 -1.30
N VAL F 113 17.43 9.20 -1.16
CA VAL F 113 17.64 7.95 -1.88
C VAL F 113 17.56 8.22 -3.37
N THR F 114 18.63 7.89 -4.10
CA THR F 114 18.63 8.11 -5.54
C THR F 114 17.59 7.23 -6.21
N ASP F 115 17.13 7.68 -7.37
CA ASP F 115 16.19 6.89 -8.16
C ASP F 115 16.79 5.55 -8.53
N ALA F 116 18.04 5.55 -9.00
CA ALA F 116 18.67 4.32 -9.44
C ALA F 116 18.75 3.30 -8.30
N ASP F 117 19.00 3.75 -7.08
CA ASP F 117 19.17 2.82 -5.97
C ASP F 117 17.84 2.30 -5.44
N ALA F 118 16.79 3.12 -5.47
CA ALA F 118 15.47 2.64 -5.08
C ALA F 118 14.97 1.57 -6.04
N LYS F 119 15.29 1.70 -7.34
CA LYS F 119 14.90 0.69 -8.31
C LYS F 119 15.61 -0.65 -8.05
N GLU F 120 16.84 -0.60 -7.56
CA GLU F 120 17.56 -1.82 -7.22
C GLU F 120 17.04 -2.47 -5.94
N ALA F 121 16.15 -1.78 -5.21
CA ALA F 121 15.64 -2.28 -3.94
C ALA F 121 14.22 -2.84 -4.05
N ILE F 122 13.33 -2.22 -4.83
CA ILE F 122 11.93 -2.64 -4.81
C ILE F 122 11.32 -2.74 -6.21
N LEU F 123 12.12 -2.46 -7.25
CA LEU F 123 11.66 -2.65 -8.63
C LEU F 123 12.19 -4.00 -9.11
N LYS F 124 11.38 -5.04 -8.95
CA LYS F 124 11.79 -6.41 -9.20
C LYS F 124 12.11 -6.68 -10.68
N THR F 125 11.72 -5.78 -11.59
CA THR F 125 12.00 -5.95 -13.00
C THR F 125 13.18 -5.11 -13.48
N ASN F 126 13.80 -4.35 -12.58
CA ASN F 126 14.93 -3.51 -12.96
C ASN F 126 16.10 -4.36 -13.42
N GLY F 127 16.93 -3.78 -14.29
CA GLY F 127 18.09 -4.51 -14.79
C GLY F 127 19.04 -4.95 -13.69
N THR F 128 19.24 -4.11 -12.68
CA THR F 128 20.06 -4.43 -11.53
C THR F 128 19.17 -4.57 -10.31
N LYS F 129 19.47 -5.56 -9.46
CA LYS F 129 18.62 -5.88 -8.32
C LYS F 129 19.43 -6.05 -7.04
N THR F 130 20.53 -5.31 -6.91
CA THR F 130 21.53 -5.60 -5.87
C THR F 130 21.12 -5.16 -4.47
N LYS F 131 20.00 -4.45 -4.31
CA LYS F 131 19.69 -3.85 -3.01
C LYS F 131 18.32 -4.25 -2.48
N GLY F 132 17.74 -5.33 -2.99
CA GLY F 132 16.47 -5.81 -2.49
C GLY F 132 15.54 -6.35 -3.57
N ALA F 133 15.67 -5.82 -4.79
CA ALA F 133 14.78 -6.21 -5.87
C ALA F 133 14.86 -7.70 -6.14
N GLU F 134 16.07 -8.28 -6.04
CA GLU F 134 16.22 -9.72 -6.22
C GLU F 134 15.39 -10.50 -5.21
N GLU F 135 15.60 -10.23 -3.92
CA GLU F 135 14.88 -10.94 -2.88
C GLU F 135 13.38 -10.69 -2.97
N LEU F 136 12.99 -9.47 -3.35
CA LEU F 136 11.57 -9.15 -3.53
C LEU F 136 10.92 -10.08 -4.54
N GLY F 137 11.61 -10.34 -5.66
CA GLY F 137 11.04 -11.21 -6.68
C GLY F 137 10.82 -12.62 -6.18
N LYS F 138 11.78 -13.15 -5.42
CA LYS F 138 11.60 -14.47 -4.81
C LYS F 138 10.42 -14.46 -3.86
N LEU F 139 10.21 -13.36 -3.13
CA LEU F 139 9.07 -13.25 -2.24
C LEU F 139 7.76 -13.36 -3.04
N PHE F 140 7.69 -12.63 -4.16
CA PHE F 140 6.51 -12.73 -5.03
C PHE F 140 6.26 -14.17 -5.46
N GLU F 141 7.31 -14.86 -5.93
CA GLU F 141 7.14 -16.23 -6.39
C GLU F 141 6.76 -17.17 -5.25
N SER F 142 7.38 -17.00 -4.08
CA SER F 142 7.07 -17.88 -2.96
C SER F 142 5.63 -17.72 -2.51
N VAL F 143 5.05 -16.53 -2.68
CA VAL F 143 3.66 -16.33 -2.30
C VAL F 143 2.72 -16.94 -3.34
N GLU F 144 3.08 -16.85 -4.63
CA GLU F 144 2.22 -17.46 -5.64
C GLU F 144 2.31 -18.97 -5.66
N VAL F 145 3.41 -19.55 -5.18
CA VAL F 145 3.42 -20.98 -4.92
C VAL F 145 2.44 -21.31 -3.80
N LEU F 146 2.39 -20.45 -2.78
CA LEU F 146 1.44 -20.63 -1.69
C LEU F 146 0.00 -20.39 -2.16
N SER F 147 -0.21 -19.36 -2.98
CA SER F 147 -1.55 -19.06 -3.47
C SER F 147 -2.05 -20.14 -4.41
N LYS F 148 -1.20 -20.59 -5.33
CA LYS F 148 -1.58 -21.66 -6.25
C LYS F 148 -1.98 -22.93 -5.51
N ALA F 149 -1.42 -23.14 -4.31
CA ALA F 149 -1.72 -24.34 -3.53
C ALA F 149 -2.94 -24.16 -2.64
N ALA F 150 -3.07 -23.01 -1.98
CA ALA F 150 -4.27 -22.75 -1.18
C ALA F 150 -5.52 -22.85 -2.03
N LYS F 151 -5.43 -22.42 -3.29
CA LYS F 151 -6.57 -22.54 -4.20
C LYS F 151 -6.88 -24.01 -4.48
N GLU F 152 -5.85 -24.84 -4.63
CA GLU F 152 -6.07 -26.27 -4.83
C GLU F 152 -6.68 -26.91 -3.58
N MET F 153 -6.32 -26.41 -2.40
CA MET F 153 -6.94 -26.92 -1.18
C MET F 153 -8.42 -26.59 -1.13
N LEU F 154 -8.79 -25.35 -1.48
CA LEU F 154 -10.20 -25.00 -1.57
C LEU F 154 -10.89 -25.81 -2.66
N ALA F 155 -10.30 -25.84 -3.86
CA ALA F 155 -10.90 -26.57 -4.96
C ALA F 155 -11.11 -28.04 -4.61
N ASN F 156 -10.23 -28.62 -3.80
CA ASN F 156 -10.38 -30.03 -3.41
C ASN F 156 -11.57 -30.25 -2.49
N SER F 157 -12.12 -29.20 -1.90
CA SER F 157 -13.22 -29.32 -0.94
C SER F 157 -14.58 -29.02 -1.57
N VAL F 158 -14.70 -27.90 -2.29
CA VAL F 158 -15.91 -27.64 -3.05
C VAL F 158 -16.12 -28.73 -4.10
N LYS F 159 -15.03 -29.38 -4.51
CA LYS F 159 -15.12 -30.55 -5.39
C LYS F 159 -16.01 -31.63 -4.76
N GLU F 160 -15.93 -31.80 -3.44
CA GLU F 160 -16.52 -32.96 -2.76
C GLU F 160 -18.04 -32.93 -2.72
N LEU F 161 -18.67 -32.00 -3.43
CA LEU F 161 -20.12 -31.89 -3.39
C LEU F 161 -20.80 -32.43 -4.63
N THR F 162 -20.06 -32.73 -5.70
CA THR F 162 -20.64 -33.23 -6.94
C THR F 162 -19.94 -34.49 -7.41
N SER F 163 -19.51 -35.34 -6.47
CA SER F 163 -19.00 -36.67 -6.80
C SER F 163 -19.08 -37.57 -5.58
#